data_6H5Y
#
_entry.id   6H5Y
#
_cell.length_a   202.610
_cell.length_b   202.610
_cell.length_c   202.610
_cell.angle_alpha   90.00
_cell.angle_beta   90.00
_cell.angle_gamma   90.00
#
_symmetry.space_group_name_H-M   'I 2 3'
#
loop_
_entity.id
_entity.type
_entity.pdbx_description
1 polymer Laccase
2 non-polymer 2-acetamido-2-deoxy-beta-D-glucopyranose
3 non-polymer 'COPPER (II) ION'
4 non-polymer 'SULFATE ION'
5 water water
#
_entity_poly.entity_id   1
_entity_poly.type   'polypeptide(L)'
_entity_poly.pdbx_seq_one_letter_code
;SIGPVADLTISNGAVSPDGFSRQAILVNDVFPSPLITGNKGDRFQLNVIDNMTNHTMLKSTSIHWHGFFQHGTNWADGPA
FVNQCPISTGHAFLYDFQVPDQAGTFWYHSHLSTQYCDGLRGPIVVYDPQDPHKSLYDVDDDSTVITLADWYHLAAKVGP
AAPTADATLINGLGRSINTLNADLAVITVTKGKRYRFRLVSLSCDPNYTFSIDGHSLTVIEADGVNLKPQTVDSIQIFPA
QRYSFVLNADQDVDNYWIRALPNSGTRNFDGGVNSAILRYEGAAPVEPTTSQTPSTQPLVESALTTLEGTAAPGNPTPGG
VDLALNMAFGFAGGRFTINGASFTPPTVPVLLQILSGAQSAQDLLPSGSVYSLPANADIEISLPATSAAPGFPHPFHLHG
HTFAVVRSAGSSTYNYANPVYRDVVNTGSPGDNVTIRFRTDNPGPWFLHCHIDFHLDAGFAVVMAEDTPDVAATNPVPQA
WSDLCPTYDALSPDDQ
;
_entity_poly.pdbx_strand_id   A,B
#
loop_
_chem_comp.id
_chem_comp.type
_chem_comp.name
_chem_comp.formula
CU non-polymer 'COPPER (II) ION' 'Cu 2'
NAG D-saccharide, beta linking 2-acetamido-2-deoxy-beta-D-glucopyranose 'C8 H15 N O6'
SO4 non-polymer 'SULFATE ION' 'O4 S -2'
#
# COMPACT_ATOMS: atom_id res chain seq x y z
N SER A 1 25.27 24.03 -24.61
CA SER A 1 24.81 24.16 -23.23
C SER A 1 25.82 24.96 -22.40
N ILE A 2 25.57 25.15 -21.11
CA ILE A 2 26.45 25.96 -20.29
C ILE A 2 26.89 25.18 -19.06
N GLY A 3 27.92 25.69 -18.40
CA GLY A 3 28.37 25.15 -17.15
C GLY A 3 29.55 24.22 -17.33
N PRO A 4 30.09 23.69 -16.21
CA PRO A 4 29.55 23.83 -14.83
C PRO A 4 29.84 25.18 -14.14
N VAL A 5 30.47 26.10 -14.86
CA VAL A 5 30.72 27.44 -14.34
C VAL A 5 30.04 28.41 -15.29
N ALA A 6 29.13 29.20 -14.77
CA ALA A 6 28.35 30.01 -15.69
C ALA A 6 27.61 31.09 -14.91
N ASP A 7 27.13 32.07 -15.66
CA ASP A 7 26.26 33.11 -15.14
C ASP A 7 24.84 32.73 -15.53
N LEU A 8 23.91 32.88 -14.59
CA LEU A 8 22.50 32.75 -14.90
C LEU A 8 21.89 34.13 -14.62
N THR A 9 21.64 34.90 -15.69
CA THR A 9 20.93 36.17 -15.60
C THR A 9 19.43 35.93 -15.74
N ILE A 10 18.66 36.42 -14.78
CA ILE A 10 17.21 36.20 -14.75
C ILE A 10 16.51 37.52 -15.03
N SER A 11 15.64 37.53 -16.03
CA SER A 11 14.95 38.75 -16.45
C SER A 11 13.53 38.39 -16.86
N ASN A 12 12.79 39.41 -17.30
CA ASN A 12 11.42 39.25 -17.77
C ASN A 12 11.34 39.51 -19.26
N GLY A 13 10.49 38.76 -19.94
CA GLY A 13 10.29 38.96 -21.36
C GLY A 13 8.98 38.36 -21.80
N ALA A 14 8.61 38.67 -23.04
CA ALA A 14 7.47 38.04 -23.65
C ALA A 14 7.88 36.67 -24.17
N VAL A 15 6.96 35.71 -24.06
CA VAL A 15 7.17 34.37 -24.59
C VAL A 15 5.87 33.94 -25.25
N SER A 16 5.98 32.98 -26.17
CA SER A 16 4.82 32.39 -26.81
C SER A 16 5.02 30.90 -27.08
N PRO A 17 5.37 30.10 -26.08
CA PRO A 17 5.62 28.67 -26.32
C PRO A 17 4.39 27.90 -26.81
N ASP A 18 3.19 28.49 -26.81
CA ASP A 18 2.01 27.87 -27.41
C ASP A 18 1.29 28.82 -28.38
N GLY A 19 2.00 29.78 -28.95
CA GLY A 19 1.36 30.74 -29.83
C GLY A 19 0.64 31.88 -29.16
N PHE A 20 0.50 31.87 -27.83
CA PHE A 20 -0.18 32.94 -27.10
C PHE A 20 0.85 33.72 -26.31
N SER A 21 0.84 35.04 -26.46
CA SER A 21 1.89 35.88 -25.90
C SER A 21 1.58 36.20 -24.45
N ARG A 22 2.57 36.01 -23.58
CA ARG A 22 2.45 36.42 -22.19
C ARG A 22 3.84 36.75 -21.66
N GLN A 23 3.87 37.54 -20.60
CA GLN A 23 5.13 37.93 -19.99
C GLN A 23 5.56 36.83 -19.02
N ALA A 24 6.86 36.57 -18.96
CA ALA A 24 7.35 35.40 -18.22
C ALA A 24 8.80 35.64 -17.82
N ILE A 25 9.51 34.57 -17.43
CA ILE A 25 10.83 34.65 -16.80
C ILE A 25 11.86 34.08 -17.76
N LEU A 26 12.91 34.85 -18.02
CA LEU A 26 13.93 34.43 -18.97
C LEU A 26 15.23 34.12 -18.25
N VAL A 27 15.97 33.17 -18.81
CA VAL A 27 17.29 32.81 -18.29
C VAL A 27 18.28 32.97 -19.43
N ASN A 28 19.22 33.89 -19.26
CA ASN A 28 20.07 34.36 -20.35
C ASN A 28 19.25 34.60 -21.61
N ASP A 29 18.20 35.40 -21.47
CA ASP A 29 17.39 35.92 -22.57
C ASP A 29 16.63 34.85 -23.35
N VAL A 30 16.55 33.62 -22.86
CA VAL A 30 15.80 32.62 -23.61
C VAL A 30 14.72 32.03 -22.72
N PHE A 31 13.60 31.69 -23.36
CA PHE A 31 12.62 30.75 -22.84
C PHE A 31 12.56 29.56 -23.78
N PRO A 32 12.59 28.31 -23.27
CA PRO A 32 12.69 27.99 -21.83
C PRO A 32 14.15 28.07 -21.36
N SER A 33 14.41 27.86 -20.08
CA SER A 33 15.76 28.10 -19.58
C SER A 33 16.71 27.08 -20.20
N PRO A 34 17.97 27.44 -20.39
CA PRO A 34 18.92 26.53 -21.06
C PRO A 34 19.39 25.39 -20.17
N LEU A 35 19.75 24.29 -20.81
CA LEU A 35 20.34 23.14 -20.14
C LEU A 35 21.73 23.46 -19.57
N ILE A 36 21.98 23.04 -18.32
CA ILE A 36 23.29 23.10 -17.67
C ILE A 36 23.91 21.71 -17.70
N THR A 37 25.24 21.67 -17.79
CA THR A 37 25.93 20.41 -17.98
C THR A 37 27.26 20.40 -17.24
N GLY A 38 27.63 19.21 -16.77
CA GLY A 38 28.90 18.96 -16.11
C GLY A 38 29.18 17.47 -16.19
N ASN A 39 30.45 17.13 -15.88
CA ASN A 39 30.91 15.77 -15.65
C ASN A 39 30.82 15.46 -14.16
N LYS A 40 30.74 14.17 -13.84
CA LYS A 40 30.77 13.77 -12.44
C LYS A 40 32.03 14.30 -11.74
N GLY A 41 31.85 14.87 -10.56
CA GLY A 41 32.96 15.43 -9.83
C GLY A 41 33.30 16.87 -10.16
N ASP A 42 32.63 17.48 -11.12
CA ASP A 42 32.85 18.91 -11.36
C ASP A 42 32.45 19.73 -10.14
N ARG A 43 33.14 20.85 -9.94
CA ARG A 43 32.71 21.91 -9.03
C ARG A 43 31.84 22.86 -9.82
N PHE A 44 30.68 23.23 -9.27
CA PHE A 44 29.71 24.06 -9.95
C PHE A 44 29.69 25.46 -9.36
N GLN A 45 29.75 26.47 -10.23
CA GLN A 45 29.79 27.87 -9.85
C GLN A 45 28.75 28.55 -10.75
N LEU A 46 27.51 28.66 -10.25
CA LEU A 46 26.42 29.20 -11.03
C LEU A 46 26.06 30.56 -10.43
N ASN A 47 26.52 31.61 -11.09
CA ASN A 47 26.32 32.97 -10.61
C ASN A 47 24.95 33.46 -11.06
N VAL A 48 24.05 33.67 -10.13
CA VAL A 48 22.67 33.98 -10.45
C VAL A 48 22.48 35.50 -10.37
N ILE A 49 22.23 36.13 -11.51
CA ILE A 49 22.20 37.59 -11.66
C ILE A 49 20.73 38.01 -11.76
N ASP A 50 20.19 38.55 -10.68
CA ASP A 50 18.78 38.92 -10.64
C ASP A 50 18.60 40.28 -11.26
N ASN A 51 17.85 40.34 -12.38
CA ASN A 51 17.57 41.57 -13.10
C ASN A 51 16.09 41.71 -13.39
N MET A 52 15.24 41.11 -12.55
CA MET A 52 13.82 41.10 -12.77
C MET A 52 13.17 42.38 -12.26
N THR A 53 12.16 42.82 -12.97
CA THR A 53 11.44 44.03 -12.62
C THR A 53 9.96 43.77 -12.39
N ASN A 54 9.50 42.53 -12.53
CA ASN A 54 8.08 42.22 -12.62
C ASN A 54 7.56 41.72 -11.27
N HIS A 55 6.71 42.53 -10.64
CA HIS A 55 6.27 42.25 -9.27
C HIS A 55 5.28 41.09 -9.22
N THR A 56 4.41 40.95 -10.22
CA THR A 56 3.46 39.85 -10.24
C THR A 56 4.16 38.49 -10.21
N MET A 57 5.38 38.40 -10.72
CA MET A 57 6.12 37.14 -10.70
C MET A 57 7.28 37.20 -9.73
N LEU A 58 7.32 38.24 -8.87
CA LEU A 58 8.31 38.50 -7.83
C LEU A 58 9.64 38.93 -8.44
N LYS A 59 10.15 40.08 -7.99
CA LYS A 59 11.44 40.58 -8.47
C LYS A 59 12.60 39.78 -7.89
N SER A 60 12.42 39.17 -6.72
CA SER A 60 13.47 38.43 -6.05
C SER A 60 13.46 36.99 -6.56
N THR A 61 14.56 36.27 -6.32
CA THR A 61 14.57 34.86 -6.70
C THR A 61 15.56 34.07 -5.85
N SER A 62 15.33 32.76 -5.78
CA SER A 62 16.38 31.81 -5.40
C SER A 62 16.16 30.51 -6.14
N ILE A 63 17.26 29.80 -6.38
CA ILE A 63 17.31 28.63 -7.24
C ILE A 63 17.71 27.42 -6.42
N HIS A 64 16.91 26.37 -6.52
CA HIS A 64 17.25 25.08 -5.97
C HIS A 64 17.81 24.18 -7.08
N TRP A 65 18.81 23.36 -6.75
CA TRP A 65 19.48 22.49 -7.74
C TRP A 65 19.00 21.07 -7.49
N HIS A 66 17.90 20.71 -8.14
CA HIS A 66 17.05 19.64 -7.63
C HIS A 66 17.75 18.30 -7.70
N GLY A 67 17.94 17.69 -6.54
CA GLY A 67 18.56 16.38 -6.43
C GLY A 67 19.95 16.41 -5.83
N PHE A 68 20.69 17.49 -6.03
CA PHE A 68 22.08 17.54 -5.58
C PHE A 68 22.11 17.54 -4.06
N PHE A 69 23.11 16.82 -3.51
CA PHE A 69 23.13 16.53 -2.08
C PHE A 69 23.57 17.73 -1.24
N GLN A 70 24.41 18.59 -1.81
CA GLN A 70 24.84 19.82 -1.13
C GLN A 70 25.55 19.54 0.21
N HIS A 71 26.19 18.37 0.36
CA HIS A 71 26.91 18.07 1.60
C HIS A 71 27.90 19.19 1.93
N GLY A 72 27.80 19.75 3.12
CA GLY A 72 28.66 20.85 3.51
C GLY A 72 28.31 22.20 2.91
N THR A 73 27.30 22.28 2.04
CA THR A 73 26.92 23.53 1.41
C THR A 73 25.40 23.69 1.45
N ASN A 74 24.81 23.38 2.61
CA ASN A 74 23.37 23.53 2.80
C ASN A 74 22.91 24.93 2.45
N TRP A 75 23.74 25.94 2.72
CA TRP A 75 23.39 27.31 2.34
C TRP A 75 23.10 27.47 0.85
N ALA A 76 23.50 26.49 0.03
CA ALA A 76 23.44 26.64 -1.42
C ALA A 76 22.23 25.97 -2.02
N ASP A 77 21.34 25.42 -1.18
CA ASP A 77 20.35 24.45 -1.65
C ASP A 77 19.14 25.11 -2.31
N GLY A 78 18.79 26.35 -1.94
CA GLY A 78 17.77 27.06 -2.70
C GLY A 78 16.54 27.60 -1.98
N PRO A 79 15.84 26.78 -1.19
CA PRO A 79 14.52 27.19 -0.66
C PRO A 79 14.53 28.49 0.12
N ALA A 80 13.76 29.46 -0.38
CA ALA A 80 13.64 30.73 0.33
C ALA A 80 13.17 30.49 1.76
N PHE A 81 13.77 31.21 2.71
CA PHE A 81 13.40 31.20 4.12
C PHE A 81 13.58 29.83 4.80
N VAL A 82 14.20 28.86 4.13
CA VAL A 82 14.70 27.66 4.80
C VAL A 82 16.22 27.66 4.83
N ASN A 83 16.86 27.77 3.66
CA ASN A 83 18.32 27.70 3.52
C ASN A 83 18.98 29.03 3.17
N GLN A 84 18.20 30.01 2.69
CA GLN A 84 18.73 31.33 2.34
C GLN A 84 17.57 32.33 2.26
N CYS A 85 17.90 33.62 2.47
CA CYS A 85 16.98 34.65 2.02
C CYS A 85 17.09 34.78 0.50
N PRO A 86 16.01 35.20 -0.17
CA PRO A 86 16.07 35.32 -1.64
C PRO A 86 17.08 36.37 -2.09
N ILE A 87 17.63 36.16 -3.28
CA ILE A 87 18.39 37.21 -3.97
C ILE A 87 17.42 38.32 -4.35
N SER A 88 17.83 39.57 -4.14
CA SER A 88 17.04 40.74 -4.47
C SER A 88 17.39 41.24 -5.87
N THR A 89 16.45 41.97 -6.47
CA THR A 89 16.71 42.46 -7.82
C THR A 89 17.86 43.49 -7.80
N GLY A 90 18.57 43.58 -8.91
CA GLY A 90 19.77 44.38 -8.94
C GLY A 90 21.02 43.72 -8.36
N HIS A 91 20.91 42.51 -7.80
CA HIS A 91 22.04 41.85 -7.15
C HIS A 91 22.35 40.51 -7.82
N ALA A 92 23.45 39.91 -7.37
CA ALA A 92 23.87 38.59 -7.83
C ALA A 92 24.33 37.76 -6.63
N PHE A 93 24.25 36.44 -6.77
CA PHE A 93 24.66 35.52 -5.72
C PHE A 93 25.25 34.26 -6.34
N LEU A 94 26.48 33.92 -5.94
CA LEU A 94 27.18 32.77 -6.49
C LEU A 94 26.75 31.51 -5.76
N TYR A 95 26.36 30.51 -6.52
CA TYR A 95 26.14 29.17 -5.98
C TYR A 95 27.37 28.37 -6.31
N ASP A 96 28.12 27.98 -5.28
CA ASP A 96 29.40 27.30 -5.43
C ASP A 96 29.36 26.00 -4.64
N PHE A 97 29.18 24.89 -5.34
CA PHE A 97 29.13 23.59 -4.70
C PHE A 97 29.76 22.55 -5.61
N GLN A 98 29.98 21.36 -5.07
CA GLN A 98 30.51 20.26 -5.85
C GLN A 98 29.47 19.16 -5.99
N VAL A 99 29.63 18.34 -7.02
CA VAL A 99 28.86 17.11 -7.18
C VAL A 99 29.86 15.95 -7.30
N PRO A 100 30.42 15.48 -6.18
CA PRO A 100 31.47 14.45 -6.26
C PRO A 100 30.93 13.08 -6.65
N ASP A 101 29.83 12.65 -6.04
CA ASP A 101 29.39 11.27 -6.18
C ASP A 101 27.96 11.15 -6.71
N GLN A 102 27.46 12.14 -7.44
CA GLN A 102 26.20 11.99 -8.15
C GLN A 102 26.41 12.12 -9.66
N ALA A 103 25.61 11.39 -10.42
CA ALA A 103 25.61 11.55 -11.87
C ALA A 103 24.27 11.05 -12.39
N GLY A 104 23.82 11.66 -13.50
CA GLY A 104 22.51 11.38 -14.05
C GLY A 104 21.79 12.67 -14.41
N THR A 105 20.46 12.53 -14.49
CA THR A 105 19.56 13.56 -14.99
C THR A 105 18.95 14.28 -13.81
N PHE A 106 19.02 15.63 -13.82
CA PHE A 106 18.53 16.51 -12.74
C PHE A 106 17.88 17.77 -13.34
N TRP A 107 17.49 18.72 -12.49
CA TRP A 107 17.08 20.05 -12.96
C TRP A 107 17.28 21.12 -11.89
N TYR A 108 17.14 22.38 -12.32
CA TYR A 108 17.16 23.56 -11.45
C TYR A 108 15.89 24.39 -11.64
N HIS A 109 15.49 25.10 -10.58
CA HIS A 109 14.27 25.90 -10.66
C HIS A 109 14.16 26.85 -9.47
N SER A 110 13.30 27.86 -9.64
CA SER A 110 12.99 28.76 -8.53
C SER A 110 12.34 28.00 -7.39
N HIS A 111 12.74 28.35 -6.17
CA HIS A 111 12.18 27.82 -4.94
C HIS A 111 11.65 28.96 -4.08
N LEU A 112 11.05 29.94 -4.76
CA LEU A 112 10.41 31.08 -4.11
C LEU A 112 8.93 31.03 -4.49
N SER A 113 8.05 30.99 -3.50
CA SER A 113 6.61 30.98 -3.75
C SER A 113 6.29 30.07 -4.94
N THR A 114 5.68 30.62 -5.99
CA THR A 114 5.31 29.84 -7.16
C THR A 114 6.06 30.32 -8.41
N GLN A 115 7.27 30.82 -8.22
CA GLN A 115 7.93 31.59 -9.27
C GLN A 115 8.48 30.71 -10.40
N TYR A 116 8.80 29.44 -10.14
CA TYR A 116 9.29 28.59 -11.23
C TYR A 116 8.18 28.21 -12.20
N CYS A 117 6.92 28.33 -11.79
CA CYS A 117 5.80 28.11 -12.72
C CYS A 117 5.78 29.14 -13.83
N ASP A 118 6.38 30.32 -13.63
CA ASP A 118 6.42 31.35 -14.66
C ASP A 118 7.68 31.26 -15.52
N GLY A 119 8.35 30.11 -15.53
CA GLY A 119 9.32 29.82 -16.55
C GLY A 119 10.76 29.71 -16.09
N LEU A 120 11.07 29.89 -14.80
CA LEU A 120 12.45 29.69 -14.34
C LEU A 120 12.63 28.24 -13.93
N ARG A 121 12.98 27.39 -14.90
CA ARG A 121 13.13 25.95 -14.65
C ARG A 121 13.86 25.32 -15.82
N GLY A 122 14.85 24.46 -15.50
CA GLY A 122 15.70 23.93 -16.54
C GLY A 122 16.45 22.65 -16.20
N PRO A 123 16.68 21.84 -17.22
CA PRO A 123 17.37 20.56 -17.01
C PRO A 123 18.84 20.76 -16.69
N ILE A 124 19.36 19.81 -15.91
CA ILE A 124 20.78 19.65 -15.62
C ILE A 124 21.14 18.20 -15.90
N VAL A 125 22.21 17.98 -16.66
CA VAL A 125 22.70 16.64 -16.92
C VAL A 125 24.14 16.57 -16.44
N VAL A 126 24.42 15.60 -15.57
CA VAL A 126 25.75 15.34 -15.03
C VAL A 126 26.18 14.00 -15.62
N TYR A 127 27.03 14.04 -16.65
CA TYR A 127 27.43 12.84 -17.35
C TYR A 127 28.42 12.05 -16.51
N ASP A 128 28.45 10.74 -16.76
CA ASP A 128 29.39 9.85 -16.08
C ASP A 128 30.40 9.35 -17.11
N PRO A 129 31.65 9.82 -17.07
CA PRO A 129 32.67 9.28 -17.97
C PRO A 129 32.74 7.76 -17.94
N GLN A 130 32.35 7.15 -16.84
CA GLN A 130 32.38 5.70 -16.68
C GLN A 130 30.98 5.11 -16.57
N ASP A 131 30.00 5.75 -17.20
CA ASP A 131 28.59 5.41 -17.00
C ASP A 131 28.38 3.91 -17.18
N PRO A 132 27.68 3.25 -16.25
CA PRO A 132 27.47 1.79 -16.35
C PRO A 132 26.64 1.33 -17.55
N HIS A 133 25.77 2.17 -18.10
CA HIS A 133 24.95 1.75 -19.24
C HIS A 133 25.44 2.33 -20.56
N LYS A 134 26.62 2.95 -20.56
CA LYS A 134 27.17 3.57 -21.78
C LYS A 134 27.07 2.65 -22.97
N SER A 135 27.31 1.36 -22.76
CA SER A 135 27.34 0.43 -23.88
C SER A 135 25.95 0.21 -24.48
N LEU A 136 24.89 0.73 -23.87
CA LEU A 136 23.53 0.55 -24.39
C LEU A 136 23.06 1.65 -25.34
N TYR A 137 23.87 2.67 -25.62
CA TYR A 137 23.39 3.77 -26.45
C TYR A 137 24.55 4.42 -27.17
N ASP A 138 24.25 4.95 -28.36
CA ASP A 138 25.24 5.64 -29.20
C ASP A 138 25.26 7.15 -29.04
N VAL A 139 24.15 7.75 -28.59
CA VAL A 139 24.01 9.19 -28.61
C VAL A 139 23.45 9.63 -27.27
N ASP A 140 24.10 10.59 -26.64
CA ASP A 140 23.65 11.06 -25.34
C ASP A 140 24.06 12.53 -25.24
N ASP A 141 23.25 13.43 -25.81
CA ASP A 141 23.68 14.82 -25.86
C ASP A 141 22.50 15.75 -25.62
N ASP A 142 22.77 17.04 -25.86
CA ASP A 142 21.77 18.09 -25.65
C ASP A 142 20.48 17.79 -26.41
N SER A 143 20.59 17.11 -27.56
CA SER A 143 19.41 16.76 -28.34
C SER A 143 18.59 15.62 -27.75
N THR A 144 19.07 14.92 -26.72
CA THR A 144 18.27 13.84 -26.16
C THR A 144 17.72 14.15 -24.79
N VAL A 145 17.84 15.40 -24.33
CA VAL A 145 17.09 15.85 -23.17
C VAL A 145 15.68 16.18 -23.65
N ILE A 146 14.67 15.69 -22.94
CA ILE A 146 13.27 16.06 -23.20
C ILE A 146 12.68 16.57 -21.90
N THR A 147 12.14 17.78 -21.92
CA THR A 147 11.46 18.34 -20.77
C THR A 147 9.97 18.34 -21.01
N LEU A 148 9.20 18.05 -19.96
CA LEU A 148 7.74 18.19 -19.91
C LEU A 148 7.37 19.33 -18.95
N ALA A 149 6.44 20.20 -19.38
CA ALA A 149 6.09 21.39 -18.60
C ALA A 149 4.63 21.76 -18.81
N ASP A 150 3.98 22.19 -17.74
CA ASP A 150 2.65 22.80 -17.81
C ASP A 150 2.76 24.28 -18.12
N TRP A 151 1.78 24.80 -18.86
CA TRP A 151 1.79 26.22 -19.22
C TRP A 151 0.42 26.86 -19.01
N TYR A 152 0.43 28.00 -18.32
CA TYR A 152 -0.76 28.77 -17.94
C TYR A 152 -0.69 30.15 -18.58
N HIS A 153 -1.82 30.62 -19.11
CA HIS A 153 -1.81 31.89 -19.82
C HIS A 153 -1.78 33.05 -18.84
N LEU A 154 -2.34 32.89 -17.66
CA LEU A 154 -2.30 33.91 -16.62
C LEU A 154 -1.34 33.45 -15.54
N ALA A 155 -0.54 34.40 -15.05
CA ALA A 155 0.56 34.12 -14.14
C ALA A 155 0.18 33.23 -12.97
N ALA A 156 1.19 32.66 -12.31
CA ALA A 156 0.96 31.88 -11.10
C ALA A 156 0.11 32.66 -10.10
N LYS A 157 0.49 33.90 -9.81
CA LYS A 157 -0.24 34.75 -8.88
C LYS A 157 -1.38 35.53 -9.56
N VAL A 158 -2.04 34.93 -10.57
CA VAL A 158 -3.11 35.54 -11.34
C VAL A 158 -4.45 34.83 -11.20
N GLY A 159 -4.44 33.51 -11.14
CA GLY A 159 -5.64 32.73 -10.93
C GLY A 159 -5.47 31.81 -9.74
N PRO A 160 -6.32 30.77 -9.65
CA PRO A 160 -6.25 29.80 -8.55
C PRO A 160 -4.90 29.08 -8.50
N PRO A 163 -6.53 25.77 -10.51
CA PRO A 163 -5.72 25.91 -11.74
C PRO A 163 -6.07 24.87 -12.80
N THR A 164 -5.59 25.10 -14.01
CA THR A 164 -5.72 24.18 -15.13
C THR A 164 -4.78 24.66 -16.22
N ALA A 165 -3.85 23.81 -16.63
CA ALA A 165 -2.92 24.17 -17.69
C ALA A 165 -3.66 24.54 -18.97
N ASP A 166 -3.16 25.56 -19.68
CA ASP A 166 -3.65 25.83 -21.01
C ASP A 166 -3.00 24.91 -22.06
N ALA A 167 -1.77 24.46 -21.83
CA ALA A 167 -1.08 23.60 -22.78
C ALA A 167 0.01 22.82 -22.07
N THR A 168 0.45 21.74 -22.72
CA THR A 168 1.62 20.98 -22.34
C THR A 168 2.79 21.38 -23.23
N LEU A 169 3.95 21.58 -22.63
CA LEU A 169 5.14 22.00 -23.38
C LEU A 169 6.13 20.84 -23.36
N ILE A 170 6.45 20.34 -24.54
CA ILE A 170 7.53 19.38 -24.70
C ILE A 170 8.67 20.19 -25.28
N ASN A 171 9.83 20.20 -24.59
CA ASN A 171 10.96 21.03 -25.02
C ASN A 171 10.52 22.47 -25.25
N GLY A 172 9.67 22.98 -24.36
CA GLY A 172 9.23 24.35 -24.47
C GLY A 172 8.21 24.68 -25.55
N LEU A 173 7.65 23.68 -26.26
CA LEU A 173 6.70 23.94 -27.35
C LEU A 173 5.46 23.05 -27.23
N GLY A 174 4.32 23.57 -27.69
CA GLY A 174 3.07 22.85 -27.59
C GLY A 174 1.90 23.71 -28.06
N ARG A 175 0.69 23.14 -27.96
CA ARG A 175 -0.53 23.81 -28.42
C ARG A 175 -1.61 23.81 -27.35
N SER A 176 -2.30 24.93 -27.22
CA SER A 176 -3.53 25.02 -26.43
C SER A 176 -4.75 24.89 -27.34
N ILE A 177 -5.92 24.72 -26.73
CA ILE A 177 -7.17 24.49 -27.48
C ILE A 177 -7.44 25.56 -28.52
N ASN A 178 -6.90 26.77 -28.34
CA ASN A 178 -7.14 27.88 -29.28
C ASN A 178 -5.91 28.23 -30.12
N THR A 179 -4.85 27.45 -30.07
CA THR A 179 -3.70 27.65 -30.96
C THR A 179 -3.26 26.32 -31.54
N LEU A 180 -4.22 25.58 -32.11
CA LEU A 180 -3.95 24.25 -32.64
C LEU A 180 -2.96 24.28 -33.81
N ASN A 181 -2.63 25.44 -34.34
CA ASN A 181 -1.71 25.54 -35.46
C ASN A 181 -0.28 25.89 -35.04
N ALA A 182 -0.01 25.93 -33.74
CA ALA A 182 1.26 26.47 -33.24
C ALA A 182 2.36 25.44 -33.38
N ASP A 183 3.61 25.91 -33.48
CA ASP A 183 4.73 25.02 -33.77
C ASP A 183 4.90 23.96 -32.69
N LEU A 184 5.25 22.77 -33.12
CA LEU A 184 5.44 21.64 -32.24
C LEU A 184 6.94 21.36 -32.05
N ALA A 185 7.25 20.73 -30.94
CA ALA A 185 8.63 20.32 -30.70
C ALA A 185 8.99 19.12 -31.59
N VAL A 186 10.15 19.18 -32.25
CA VAL A 186 10.60 18.10 -33.14
C VAL A 186 11.87 17.50 -32.58
N ILE A 187 11.89 16.17 -32.49
CA ILE A 187 13.00 15.41 -31.96
C ILE A 187 13.45 14.46 -33.05
N THR A 188 14.74 14.54 -33.40
CA THR A 188 15.30 13.99 -34.63
C THR A 188 16.25 12.84 -34.29
N VAL A 189 15.99 11.67 -34.87
CA VAL A 189 16.88 10.53 -34.70
C VAL A 189 17.28 10.01 -36.07
N THR A 190 18.42 9.31 -36.11
CA THR A 190 18.90 8.61 -37.30
C THR A 190 18.58 7.11 -37.17
N LYS A 191 17.89 6.57 -38.18
CA LYS A 191 17.62 5.14 -38.28
C LYS A 191 18.83 4.30 -37.91
N GLY A 192 18.63 3.32 -37.00
CA GLY A 192 19.67 2.37 -36.63
C GLY A 192 20.61 2.82 -35.54
N LYS A 193 20.40 4.00 -34.97
CA LYS A 193 21.17 4.49 -33.83
C LYS A 193 20.34 4.37 -32.56
N ARG A 194 21.03 4.39 -31.43
CA ARG A 194 20.38 4.26 -30.12
C ARG A 194 20.57 5.53 -29.29
N TYR A 195 19.50 5.93 -28.61
CA TYR A 195 19.41 7.22 -27.94
C TYR A 195 19.18 7.00 -26.46
N ARG A 196 20.00 7.66 -25.64
CA ARG A 196 19.69 7.81 -24.22
C ARG A 196 18.88 9.08 -24.08
N PHE A 197 17.57 8.92 -23.89
CA PHE A 197 16.69 10.07 -23.70
C PHE A 197 16.53 10.33 -22.22
N ARG A 198 16.65 11.59 -21.86
CA ARG A 198 16.57 12.01 -20.46
C ARG A 198 15.28 12.80 -20.27
N LEU A 199 14.24 12.13 -19.74
CA LEU A 199 12.94 12.73 -19.52
C LEU A 199 12.92 13.54 -18.23
N VAL A 200 12.51 14.81 -18.31
CA VAL A 200 12.58 15.73 -17.19
C VAL A 200 11.24 16.43 -17.08
N SER A 201 10.49 16.14 -16.01
CA SER A 201 9.25 16.86 -15.74
C SER A 201 9.55 18.18 -15.03
N LEU A 202 9.28 19.29 -15.70
CA LEU A 202 9.32 20.63 -15.10
C LEU A 202 7.95 21.08 -14.58
N SER A 203 7.02 20.14 -14.38
CA SER A 203 5.63 20.51 -14.18
C SER A 203 5.40 21.10 -12.79
N CYS A 204 4.55 22.14 -12.71
CA CYS A 204 4.02 22.64 -11.45
C CYS A 204 2.88 21.81 -10.87
N ASP A 205 2.30 20.88 -11.61
CA ASP A 205 1.12 20.21 -11.06
C ASP A 205 0.79 18.90 -11.77
N PRO A 206 0.47 18.86 -13.06
CA PRO A 206 0.08 17.58 -13.65
C PRO A 206 1.20 16.56 -13.70
N ASN A 207 0.83 15.30 -13.50
CA ASN A 207 1.65 14.18 -13.93
C ASN A 207 1.28 13.85 -15.37
N TYR A 208 2.27 13.34 -16.11
CA TYR A 208 2.12 13.03 -17.52
C TYR A 208 2.28 11.52 -17.75
N THR A 209 1.36 10.94 -18.52
CA THR A 209 1.55 9.60 -19.05
C THR A 209 2.21 9.75 -20.41
N PHE A 210 3.47 9.36 -20.50
CA PHE A 210 4.33 9.68 -21.64
C PHE A 210 4.59 8.42 -22.45
N SER A 211 4.36 8.51 -23.76
CA SER A 211 4.68 7.40 -24.64
C SER A 211 5.03 7.94 -26.02
N ILE A 212 5.73 7.11 -26.78
CA ILE A 212 6.08 7.42 -28.15
C ILE A 212 5.51 6.33 -29.04
N ASP A 213 4.53 6.69 -29.88
CA ASP A 213 4.01 5.82 -30.93
C ASP A 213 5.07 4.90 -31.53
N GLY A 214 4.78 3.60 -31.63
CA GLY A 214 5.62 2.66 -32.37
C GLY A 214 6.95 2.29 -31.73
N HIS A 215 7.18 2.65 -30.47
CA HIS A 215 8.49 2.44 -29.86
C HIS A 215 8.33 2.05 -28.39
N SER A 216 9.23 1.20 -27.94
CA SER A 216 9.32 0.83 -26.54
C SER A 216 10.48 1.57 -25.89
N LEU A 217 10.42 1.69 -24.58
CA LEU A 217 11.36 2.50 -23.82
C LEU A 217 12.04 1.62 -22.78
N THR A 218 13.38 1.60 -22.75
CA THR A 218 14.10 0.84 -21.74
C THR A 218 14.68 1.79 -20.70
N VAL A 219 14.14 1.72 -19.50
CA VAL A 219 14.41 2.70 -18.46
C VAL A 219 15.65 2.27 -17.69
N ILE A 220 16.60 3.20 -17.52
CA ILE A 220 17.88 2.83 -16.94
C ILE A 220 18.27 3.75 -15.79
N GLU A 221 17.48 4.81 -15.56
CA GLU A 221 17.75 5.80 -14.52
C GLU A 221 16.45 6.42 -14.01
N ALA A 222 16.36 6.67 -12.71
CA ALA A 222 15.24 7.42 -12.16
C ALA A 222 15.75 8.40 -11.11
N ASP A 223 15.37 9.67 -11.23
CA ASP A 223 15.84 10.74 -10.34
C ASP A 223 17.32 10.61 -9.97
N GLY A 224 18.19 10.35 -10.92
CA GLY A 224 19.60 10.29 -10.63
C GLY A 224 20.14 8.92 -10.24
N VAL A 225 19.30 7.91 -10.13
CA VAL A 225 19.71 6.63 -9.57
C VAL A 225 19.76 5.62 -10.71
N ASN A 226 20.95 5.06 -10.96
CA ASN A 226 21.06 4.03 -11.99
C ASN A 226 20.25 2.82 -11.57
N LEU A 227 19.48 2.26 -12.49
CA LEU A 227 18.67 1.10 -12.17
C LEU A 227 18.88 0.02 -13.23
N LYS A 228 18.36 -1.18 -12.95
CA LYS A 228 18.48 -2.27 -13.91
C LYS A 228 17.56 -2.02 -15.10
N PRO A 229 18.03 -2.28 -16.32
CA PRO A 229 17.22 -1.93 -17.50
C PRO A 229 15.88 -2.64 -17.47
N GLN A 230 14.85 -1.94 -17.94
CA GLN A 230 13.47 -2.37 -17.75
C GLN A 230 12.67 -1.81 -18.92
N THR A 231 12.23 -2.68 -19.82
CA THR A 231 11.48 -2.22 -20.97
C THR A 231 10.05 -1.85 -20.56
N VAL A 232 9.57 -0.70 -21.04
CA VAL A 232 8.19 -0.27 -20.87
C VAL A 232 7.69 0.27 -22.21
N ASP A 233 6.39 0.50 -22.30
CA ASP A 233 5.79 1.16 -23.47
C ASP A 233 5.03 2.42 -23.10
N SER A 234 5.13 2.87 -21.86
CA SER A 234 4.63 4.17 -21.43
C SER A 234 5.22 4.45 -20.06
N ILE A 235 5.19 5.73 -19.65
CA ILE A 235 5.83 6.13 -18.39
C ILE A 235 4.97 7.20 -17.74
N GLN A 236 4.55 6.96 -16.51
CA GLN A 236 3.90 7.98 -15.71
C GLN A 236 4.98 8.75 -14.98
N ILE A 237 5.09 10.04 -15.26
CA ILE A 237 6.11 10.88 -14.66
C ILE A 237 5.44 11.97 -13.85
N PHE A 238 5.77 12.05 -12.56
CA PHE A 238 5.13 13.05 -11.72
C PHE A 238 6.02 14.27 -11.61
N PRO A 239 5.46 15.42 -11.25
CA PRO A 239 6.28 16.64 -11.16
C PRO A 239 7.61 16.43 -10.46
N ALA A 240 8.70 16.85 -11.11
CA ALA A 240 10.07 16.93 -10.59
C ALA A 240 10.79 15.60 -10.67
N GLN A 241 10.18 14.58 -11.27
CA GLN A 241 10.81 13.29 -11.47
C GLN A 241 11.60 13.30 -12.76
N ARG A 242 12.59 12.41 -12.85
CA ARG A 242 13.38 12.24 -14.06
C ARG A 242 13.55 10.76 -14.39
N TYR A 243 13.61 10.44 -15.69
CA TYR A 243 13.96 9.10 -16.17
C TYR A 243 14.86 9.16 -17.38
N SER A 244 15.77 8.19 -17.50
CA SER A 244 16.51 7.94 -18.73
C SER A 244 16.01 6.63 -19.34
N PHE A 245 15.54 6.68 -20.58
CA PHE A 245 15.18 5.48 -21.31
C PHE A 245 15.97 5.44 -22.61
N VAL A 246 16.35 4.24 -23.02
CA VAL A 246 17.04 4.08 -24.29
C VAL A 246 15.98 3.77 -25.34
N LEU A 247 16.09 4.45 -26.48
CA LEU A 247 15.19 4.23 -27.60
C LEU A 247 16.01 3.69 -28.74
N ASN A 248 15.59 2.56 -29.25
CA ASN A 248 16.24 1.92 -30.40
C ASN A 248 15.48 2.42 -31.61
N ALA A 249 16.07 3.37 -32.35
CA ALA A 249 15.40 3.96 -33.52
C ALA A 249 15.44 2.98 -34.69
N ASP A 250 14.63 1.93 -34.60
CA ASP A 250 14.72 0.83 -35.54
C ASP A 250 13.45 0.62 -36.35
N GLN A 251 12.55 1.61 -36.36
CA GLN A 251 11.32 1.54 -37.13
C GLN A 251 11.54 2.14 -38.51
N ASP A 252 10.47 2.23 -39.29
CA ASP A 252 10.60 2.87 -40.59
C ASP A 252 10.94 4.35 -40.46
N VAL A 253 11.68 4.86 -41.44
CA VAL A 253 11.88 6.29 -41.56
C VAL A 253 10.50 6.94 -41.66
N ASP A 254 10.13 7.73 -40.66
CA ASP A 254 8.83 8.40 -40.69
C ASP A 254 8.75 9.37 -39.51
N ASN A 255 7.57 9.98 -39.37
CA ASN A 255 7.24 10.84 -38.25
C ASN A 255 6.39 10.07 -37.25
N TYR A 256 6.73 10.14 -35.96
CA TYR A 256 5.94 9.46 -34.94
C TYR A 256 5.51 10.43 -33.84
N TRP A 257 4.23 10.42 -33.52
CA TRP A 257 3.75 11.19 -32.37
C TRP A 257 4.48 10.77 -31.10
N ILE A 258 5.09 11.76 -30.45
CA ILE A 258 5.43 11.69 -29.03
C ILE A 258 4.23 12.25 -28.27
N ARG A 259 3.74 11.51 -27.27
CA ARG A 259 2.54 11.90 -26.55
C ARG A 259 2.84 12.09 -25.07
N ALA A 260 2.19 13.10 -24.43
CA ALA A 260 2.42 13.39 -23.01
C ALA A 260 1.10 13.90 -22.41
N LEU A 261 0.33 12.98 -21.86
CA LEU A 261 -1.08 13.26 -21.55
C LEU A 261 -1.23 13.56 -20.07
N PRO A 262 -1.66 14.77 -19.69
CA PRO A 262 -1.76 15.11 -18.27
C PRO A 262 -2.97 14.45 -17.62
N ASN A 263 -2.87 14.25 -16.30
CA ASN A 263 -3.99 13.68 -15.57
C ASN A 263 -5.15 14.66 -15.42
N SER A 264 -4.93 15.94 -15.72
CA SER A 264 -5.92 16.98 -15.47
C SER A 264 -6.03 17.92 -16.66
N GLY A 265 -7.17 18.59 -16.76
CA GLY A 265 -7.38 19.57 -17.81
C GLY A 265 -7.73 18.87 -19.11
N THR A 266 -6.96 19.15 -20.16
CA THR A 266 -7.23 18.73 -21.54
C THR A 266 -6.74 17.30 -21.78
N ARG A 267 -7.60 16.30 -21.51
CA ARG A 267 -7.14 14.91 -21.55
C ARG A 267 -7.27 14.25 -22.93
N ASN A 268 -6.91 14.95 -24.01
CA ASN A 268 -7.01 14.41 -25.37
C ASN A 268 -5.73 14.75 -26.14
N PHE A 269 -5.62 14.18 -27.35
CA PHE A 269 -4.60 14.56 -28.33
C PHE A 269 -5.16 15.28 -29.58
N ASP A 270 -6.38 15.80 -29.50
CA ASP A 270 -7.00 16.42 -30.67
C ASP A 270 -6.19 17.63 -31.14
N GLY A 271 -5.85 17.65 -32.44
CA GLY A 271 -5.15 18.77 -33.02
C GLY A 271 -3.69 18.84 -32.63
N GLY A 272 -3.16 17.80 -32.00
CA GLY A 272 -1.79 17.80 -31.57
C GLY A 272 -1.51 18.56 -30.30
N VAL A 273 -2.52 18.78 -29.45
CA VAL A 273 -2.20 19.19 -28.08
C VAL A 273 -1.57 18.01 -27.35
N ASN A 274 -0.67 18.31 -26.40
CA ASN A 274 -0.02 17.29 -25.56
C ASN A 274 0.91 16.37 -26.35
N SER A 275 1.43 16.84 -27.48
CA SER A 275 2.17 16.00 -28.40
C SER A 275 3.38 16.73 -28.95
N ALA A 276 4.41 15.96 -29.33
CA ALA A 276 5.59 16.44 -30.06
C ALA A 276 5.88 15.43 -31.17
N ILE A 277 7.05 15.55 -31.81
CA ILE A 277 7.32 14.75 -33.02
C ILE A 277 8.69 14.10 -32.94
N LEU A 278 8.71 12.76 -33.00
CA LEU A 278 9.91 12.00 -33.33
C LEU A 278 10.04 11.90 -34.85
N ARG A 279 11.09 12.49 -35.40
CA ARG A 279 11.29 12.55 -36.85
C ARG A 279 12.56 11.79 -37.20
N TYR A 280 12.41 10.71 -37.97
CA TYR A 280 13.56 10.01 -38.52
C TYR A 280 14.20 10.87 -39.61
N GLU A 281 15.52 10.88 -39.67
CA GLU A 281 16.22 11.66 -40.68
C GLU A 281 15.82 11.17 -42.06
N GLY A 282 15.53 12.12 -42.95
CA GLY A 282 14.93 11.82 -44.22
C GLY A 282 13.41 11.86 -44.24
N ALA A 283 12.74 11.74 -43.09
CA ALA A 283 11.27 11.82 -43.08
C ALA A 283 10.80 13.25 -43.40
N ALA A 284 9.62 13.35 -44.00
CA ALA A 284 9.14 14.63 -44.48
C ALA A 284 8.81 15.58 -43.32
N PRO A 285 8.85 16.90 -43.58
CA PRO A 285 8.48 17.90 -42.56
C PRO A 285 6.96 18.04 -42.40
N VAL A 286 6.29 16.96 -42.03
CA VAL A 286 4.86 16.98 -41.74
C VAL A 286 4.62 16.53 -40.32
N GLU A 287 3.36 16.71 -39.89
CA GLU A 287 2.86 16.06 -38.70
C GLU A 287 2.79 14.55 -38.92
N PRO A 288 3.10 13.75 -37.90
CA PRO A 288 2.90 12.31 -38.03
C PRO A 288 1.43 12.01 -38.23
N THR A 289 1.18 10.83 -38.77
CA THR A 289 -0.15 10.28 -38.90
C THR A 289 -0.23 8.90 -38.23
N THR A 290 0.61 8.65 -37.22
CA THR A 290 0.72 7.31 -36.63
C THR A 290 -0.33 7.08 -35.55
N SER A 291 -0.76 5.84 -35.42
CA SER A 291 -1.75 5.48 -34.41
C SER A 291 -1.06 5.09 -33.11
N GLN A 292 -1.76 5.33 -32.00
CA GLN A 292 -1.30 4.91 -30.68
C GLN A 292 -1.98 3.60 -30.30
N THR A 293 -1.18 2.66 -29.81
CA THR A 293 -1.50 1.35 -29.27
C THR A 293 -1.84 1.49 -27.78
N PRO A 294 -2.81 0.74 -27.24
CA PRO A 294 -2.97 0.68 -25.80
C PRO A 294 -1.67 0.24 -25.13
N SER A 295 -1.42 0.81 -23.95
CA SER A 295 -0.19 0.57 -23.20
C SER A 295 -0.32 -0.73 -22.42
N THR A 296 0.42 -1.76 -22.84
CA THR A 296 0.36 -3.09 -22.22
C THR A 296 1.56 -3.40 -21.34
N GLN A 297 2.52 -2.49 -21.23
CA GLN A 297 3.68 -2.67 -20.35
C GLN A 297 4.08 -1.32 -19.76
N PRO A 298 3.16 -0.67 -19.02
CA PRO A 298 3.49 0.60 -18.38
C PRO A 298 4.56 0.46 -17.31
N LEU A 299 5.26 1.55 -17.05
CA LEU A 299 6.30 1.50 -16.01
C LEU A 299 5.65 1.32 -14.65
N VAL A 300 6.26 0.45 -13.83
CA VAL A 300 5.73 0.09 -12.52
C VAL A 300 6.83 0.34 -11.48
N GLU A 301 6.64 1.40 -10.67
CA GLU A 301 7.67 1.82 -9.73
C GLU A 301 8.08 0.69 -8.79
N SER A 302 7.15 -0.19 -8.42
CA SER A 302 7.54 -1.25 -7.50
C SER A 302 8.30 -2.38 -8.18
N ALA A 303 8.31 -2.41 -9.51
CA ALA A 303 9.11 -3.37 -10.27
C ALA A 303 10.48 -2.82 -10.66
N LEU A 304 10.79 -1.57 -10.29
CA LEU A 304 12.09 -0.98 -10.57
C LEU A 304 13.05 -1.33 -9.44
N THR A 305 14.30 -1.59 -9.79
CA THR A 305 15.30 -1.75 -8.75
C THR A 305 16.59 -1.05 -9.15
N THR A 306 17.35 -0.69 -8.13
CA THR A 306 18.68 -0.13 -8.31
C THR A 306 19.57 -1.08 -9.12
N LEU A 307 20.51 -0.51 -9.88
CA LEU A 307 21.42 -1.30 -10.70
C LEU A 307 22.21 -2.30 -9.86
N GLU A 308 22.72 -1.86 -8.71
CA GLU A 308 23.45 -2.71 -7.77
C GLU A 308 22.53 -3.45 -6.81
N GLY A 309 21.22 -3.23 -6.86
CA GLY A 309 20.32 -3.90 -5.94
C GLY A 309 20.45 -3.51 -4.49
N THR A 310 20.93 -2.30 -4.20
CA THR A 310 21.13 -1.86 -2.82
C THR A 310 19.88 -2.04 -1.94
N ALA A 311 20.10 -2.39 -0.69
CA ALA A 311 19.00 -2.69 0.21
C ALA A 311 18.47 -1.43 0.86
N ALA A 312 17.25 -1.52 1.40
CA ALA A 312 16.76 -0.43 2.22
C ALA A 312 17.60 -0.34 3.48
N PRO A 313 17.94 0.86 3.94
CA PRO A 313 18.63 0.98 5.21
C PRO A 313 17.74 0.46 6.33
N GLY A 314 18.35 0.08 7.45
CA GLY A 314 17.60 -0.48 8.55
C GLY A 314 17.33 -1.96 8.37
N ASN A 315 16.53 -2.49 9.29
CA ASN A 315 16.14 -3.89 9.32
C ASN A 315 14.92 -4.13 8.45
N PRO A 316 14.84 -5.28 7.77
CA PRO A 316 13.79 -5.51 6.76
C PRO A 316 12.44 -5.84 7.37
N THR A 317 11.94 -4.92 8.21
CA THR A 317 10.61 -5.11 8.80
C THR A 317 10.08 -3.75 9.24
N PRO A 318 8.76 -3.55 9.21
CA PRO A 318 8.22 -2.23 9.59
C PRO A 318 8.61 -1.84 11.00
N GLY A 319 8.83 -0.54 11.21
CA GLY A 319 9.30 -0.05 12.49
C GLY A 319 10.71 -0.50 12.81
N GLY A 320 11.36 -1.16 11.85
CA GLY A 320 12.70 -1.69 12.04
C GLY A 320 13.77 -0.68 11.69
N VAL A 321 13.89 0.34 12.54
CA VAL A 321 14.50 1.60 12.15
C VAL A 321 14.85 2.36 13.44
N ASP A 322 15.56 3.50 13.34
CA ASP A 322 15.91 4.26 14.54
C ASP A 322 14.85 5.29 14.89
N LEU A 323 14.21 5.88 13.90
CA LEU A 323 13.12 6.81 14.18
C LEU A 323 12.10 6.69 13.06
N ALA A 324 10.90 6.25 13.41
CA ALA A 324 9.78 6.24 12.49
C ALA A 324 8.97 7.51 12.72
N LEU A 325 8.71 8.23 11.62
CA LEU A 325 7.87 9.42 11.64
C LEU A 325 6.74 9.19 10.65
N ASN A 326 5.52 9.45 11.09
CA ASN A 326 4.34 9.39 10.23
C ASN A 326 3.83 10.80 10.04
N MET A 327 3.57 11.15 8.79
CA MET A 327 3.17 12.51 8.42
C MET A 327 1.70 12.46 8.04
N ALA A 328 0.86 13.11 8.84
CA ALA A 328 -0.58 13.08 8.67
C ALA A 328 -1.04 14.32 7.90
N PHE A 329 -1.63 14.13 6.72
CA PHE A 329 -2.05 15.25 5.88
C PHE A 329 -3.44 15.76 6.28
N GLY A 330 -3.71 17.02 5.95
CA GLY A 330 -5.01 17.63 6.20
C GLY A 330 -5.20 18.88 5.37
N PHE A 331 -6.25 19.64 5.69
CA PHE A 331 -6.52 20.88 4.97
C PHE A 331 -7.41 21.78 5.83
N ALA A 332 -6.85 22.90 6.28
CA ALA A 332 -7.55 23.83 7.17
C ALA A 332 -8.14 25.02 6.40
N GLY A 333 -7.62 26.22 6.66
CA GLY A 333 -8.17 27.43 6.06
C GLY A 333 -8.14 27.40 4.54
N GLY A 334 -7.16 28.06 3.96
CA GLY A 334 -6.81 27.78 2.59
C GLY A 334 -5.52 27.01 2.54
N ARG A 335 -5.18 26.35 3.65
CA ARG A 335 -3.83 25.88 3.90
C ARG A 335 -3.79 24.36 4.08
N PHE A 336 -2.74 23.74 3.53
CA PHE A 336 -2.45 22.35 3.83
C PHE A 336 -1.78 22.23 5.20
N THR A 337 -1.90 21.03 5.78
CA THR A 337 -1.30 20.70 7.06
C THR A 337 -0.67 19.31 7.05
N ILE A 338 0.43 19.18 7.80
CA ILE A 338 1.06 17.91 8.14
C ILE A 338 1.20 17.86 9.65
N ASN A 339 0.65 16.81 10.27
CA ASN A 339 0.53 16.74 11.72
C ASN A 339 0.06 18.06 12.31
N GLY A 340 -0.88 18.73 11.65
CA GLY A 340 -1.53 19.89 12.21
C GLY A 340 -0.83 21.20 11.95
N ALA A 341 0.36 21.19 11.38
CA ALA A 341 1.06 22.43 11.08
C ALA A 341 0.95 22.74 9.60
N SER A 342 0.60 23.99 9.31
CA SER A 342 0.77 24.56 7.99
C SER A 342 2.09 25.32 7.98
N PHE A 343 2.92 25.07 6.97
CA PHE A 343 4.21 25.75 6.88
C PHE A 343 4.01 27.19 6.39
N THR A 344 4.38 28.16 7.22
CA THR A 344 4.49 29.51 6.70
C THR A 344 5.94 29.94 6.74
N PRO A 345 6.48 30.47 5.65
CA PRO A 345 7.89 30.82 5.62
C PRO A 345 8.22 31.77 6.76
N PRO A 346 9.30 31.50 7.50
CA PRO A 346 9.66 32.36 8.62
C PRO A 346 10.44 33.58 8.15
N THR A 347 10.44 34.60 9.00
CA THR A 347 11.22 35.80 8.71
C THR A 347 12.70 35.46 8.53
N VAL A 348 13.30 34.87 9.55
CA VAL A 348 14.71 34.47 9.51
C VAL A 348 14.76 33.05 8.97
N PRO A 349 15.50 32.77 7.89
CA PRO A 349 15.52 31.43 7.34
C PRO A 349 16.09 30.46 8.36
N VAL A 350 15.51 29.25 8.37
CA VAL A 350 15.84 28.22 9.35
C VAL A 350 17.35 28.09 9.55
N LEU A 351 18.08 27.82 8.45
CA LEU A 351 19.53 27.66 8.55
C LEU A 351 20.19 28.82 9.29
N LEU A 352 19.66 30.02 9.14
CA LEU A 352 20.22 31.16 9.86
C LEU A 352 19.86 31.10 11.35
N GLN A 353 18.65 30.62 11.68
CA GLN A 353 18.28 30.43 13.08
C GLN A 353 19.22 29.45 13.76
N ILE A 354 19.37 28.25 13.18
CA ILE A 354 20.38 27.30 13.64
C ILE A 354 21.71 28.00 13.87
N LEU A 355 22.20 28.69 12.83
CA LEU A 355 23.51 29.33 12.97
C LEU A 355 23.53 30.33 14.12
N SER A 356 22.42 31.04 14.31
CA SER A 356 22.30 31.95 15.45
C SER A 356 22.29 31.17 16.75
N ASP A 363 14.01 24.96 19.96
CA ASP A 363 12.92 24.88 19.01
C ASP A 363 13.01 25.95 17.92
N LEU A 364 12.76 25.53 16.68
CA LEU A 364 12.96 26.35 15.50
C LEU A 364 11.63 26.80 14.92
N LEU A 365 11.69 27.87 14.16
CA LEU A 365 10.46 28.37 13.57
C LEU A 365 10.43 28.07 12.07
N PRO A 366 9.25 27.82 11.50
CA PRO A 366 7.92 27.95 12.10
C PRO A 366 7.49 26.78 12.99
N SER A 367 7.08 27.11 14.22
CA SER A 367 6.67 26.12 15.21
C SER A 367 5.74 25.07 14.62
N GLY A 368 5.89 23.84 15.08
CA GLY A 368 5.03 22.76 14.65
C GLY A 368 5.43 22.09 13.36
N SER A 369 6.47 22.56 12.67
CA SER A 369 6.85 22.01 11.39
C SER A 369 8.22 21.36 11.33
N VAL A 370 9.08 21.59 12.32
CA VAL A 370 10.51 21.26 12.21
C VAL A 370 10.82 19.99 12.99
N TYR A 371 11.46 19.05 12.31
CA TYR A 371 11.69 17.70 12.82
C TYR A 371 13.18 17.49 13.04
N SER A 372 13.58 17.36 14.30
CA SER A 372 14.97 17.08 14.61
C SER A 372 15.31 15.65 14.23
N LEU A 373 16.38 15.50 13.45
CA LEU A 373 16.82 14.17 13.04
C LEU A 373 18.23 13.93 13.57
N PRO A 374 18.46 12.84 14.28
CA PRO A 374 19.81 12.50 14.73
C PRO A 374 20.65 12.01 13.58
N ALA A 375 21.96 12.12 13.74
CA ALA A 375 22.92 11.73 12.72
C ALA A 375 23.20 10.23 12.81
N ASN A 376 23.68 9.67 11.68
CA ASN A 376 24.06 8.26 11.59
C ASN A 376 22.96 7.34 12.13
N ALA A 377 21.75 7.50 11.59
CA ALA A 377 20.58 6.74 11.97
C ALA A 377 19.80 6.34 10.73
N ASP A 378 18.96 5.32 10.88
CA ASP A 378 18.02 4.90 9.86
C ASP A 378 16.66 5.52 10.16
N ILE A 379 16.06 6.15 9.15
CA ILE A 379 14.79 6.88 9.26
C ILE A 379 13.77 6.20 8.34
N GLU A 380 12.54 6.05 8.83
CA GLU A 380 11.41 5.55 8.04
C GLU A 380 10.32 6.62 8.10
N ILE A 381 9.93 7.16 6.95
CA ILE A 381 8.90 8.18 6.92
C ILE A 381 7.66 7.62 6.22
N SER A 382 6.53 7.71 6.91
CA SER A 382 5.24 7.27 6.44
C SER A 382 4.45 8.50 5.98
N LEU A 383 3.72 8.34 4.86
CA LEU A 383 2.96 9.43 4.28
C LEU A 383 1.68 8.86 3.70
N PRO A 384 0.76 8.38 4.53
CA PRO A 384 -0.46 7.74 4.01
C PRO A 384 -1.30 8.74 3.24
N ALA A 385 -1.86 8.30 2.12
CA ALA A 385 -2.71 9.21 1.37
C ALA A 385 -4.08 9.39 2.05
N THR A 386 -4.64 10.59 1.95
CA THR A 386 -5.93 10.88 2.55
C THR A 386 -6.73 11.88 1.73
N SER A 387 -8.04 11.65 1.64
CA SER A 387 -8.94 12.63 1.04
C SER A 387 -8.91 13.96 1.77
N ALA A 388 -8.42 13.99 3.01
CA ALA A 388 -8.32 15.24 3.76
C ALA A 388 -7.31 16.21 3.16
N ALA A 389 -6.43 15.75 2.26
CA ALA A 389 -5.56 16.60 1.48
C ALA A 389 -6.05 16.60 0.03
N PRO A 390 -6.88 17.58 -0.36
CA PRO A 390 -7.37 17.64 -1.73
C PRO A 390 -6.23 17.89 -2.70
N GLY A 391 -6.52 17.69 -3.97
CA GLY A 391 -5.53 17.85 -5.01
C GLY A 391 -4.59 16.68 -5.19
N PHE A 392 -4.77 15.59 -4.42
CA PHE A 392 -3.97 14.39 -4.60
C PHE A 392 -4.13 13.86 -6.02
N PRO A 393 -3.17 13.05 -6.53
CA PRO A 393 -1.95 12.54 -5.90
C PRO A 393 -0.91 13.62 -5.63
N HIS A 394 -0.20 13.48 -4.52
CA HIS A 394 0.83 14.43 -4.15
C HIS A 394 2.19 13.78 -4.32
N PRO A 395 3.11 14.35 -5.12
CA PRO A 395 4.48 13.82 -5.15
C PRO A 395 5.35 14.53 -4.12
N PHE A 396 5.73 13.82 -3.08
CA PHE A 396 6.59 14.41 -2.06
C PHE A 396 8.04 14.24 -2.45
N HIS A 397 8.86 15.18 -2.01
CA HIS A 397 10.25 15.21 -2.39
C HIS A 397 11.10 15.62 -1.20
N LEU A 398 12.22 14.94 -1.01
CA LEU A 398 13.13 15.18 0.10
C LEU A 398 14.44 15.74 -0.43
N HIS A 399 14.75 16.97 -0.06
CA HIS A 399 16.06 17.58 -0.32
C HIS A 399 17.18 16.82 0.38
N GLY A 400 18.37 16.90 -0.21
CA GLY A 400 19.60 16.51 0.44
C GLY A 400 19.78 15.04 0.62
N HIS A 401 19.00 14.20 -0.07
CA HIS A 401 18.98 12.77 0.17
C HIS A 401 18.35 12.05 -1.01
N THR A 402 18.90 10.90 -1.33
CA THR A 402 18.14 9.89 -2.02
C THR A 402 17.40 9.04 -0.96
N PHE A 403 16.24 8.53 -1.30
CA PHE A 403 15.59 7.61 -0.38
C PHE A 403 15.14 6.36 -1.14
N ALA A 404 14.92 5.30 -0.36
CA ALA A 404 14.48 4.00 -0.85
C ALA A 404 12.97 3.92 -0.70
N VAL A 405 12.27 3.62 -1.79
CA VAL A 405 10.81 3.57 -1.75
C VAL A 405 10.43 2.16 -1.36
N VAL A 406 10.36 1.95 -0.04
CA VAL A 406 10.10 0.63 0.52
C VAL A 406 8.70 0.13 0.17
N ARG A 407 7.76 1.03 -0.11
CA ARG A 407 6.41 0.65 -0.51
C ARG A 407 5.85 1.74 -1.41
N SER A 408 5.58 1.40 -2.67
CA SER A 408 5.20 2.46 -3.60
C SER A 408 3.71 2.74 -3.54
N ALA A 409 3.31 3.79 -4.27
CA ALA A 409 1.90 4.10 -4.44
C ALA A 409 1.22 3.06 -5.31
N GLY A 410 0.02 2.66 -4.89
CA GLY A 410 -0.73 1.62 -5.60
C GLY A 410 -0.42 0.21 -5.17
N SER A 411 0.45 0.01 -4.19
CA SER A 411 0.90 -1.30 -3.78
C SER A 411 0.69 -1.46 -2.28
N SER A 412 0.59 -2.71 -1.86
CA SER A 412 0.43 -3.05 -0.46
C SER A 412 1.67 -3.69 0.15
N THR A 413 2.62 -4.12 -0.68
CA THR A 413 3.77 -4.89 -0.24
C THR A 413 4.91 -3.97 0.21
N TYR A 414 5.90 -4.57 0.88
CA TYR A 414 7.03 -3.86 1.46
C TYR A 414 8.31 -4.50 1.00
N ASN A 415 9.12 -3.74 0.24
CA ASN A 415 10.39 -4.20 -0.28
C ASN A 415 11.51 -3.48 0.48
N TYR A 416 12.25 -4.25 1.27
CA TYR A 416 13.48 -3.80 1.90
C TYR A 416 14.71 -4.36 1.21
N ALA A 417 14.56 -5.47 0.49
CA ALA A 417 15.72 -6.17 -0.04
C ALA A 417 16.38 -5.39 -1.18
N ASN A 418 15.57 -4.87 -2.13
CA ASN A 418 16.13 -4.11 -3.24
C ASN A 418 15.13 -3.09 -3.80
N PRO A 419 14.63 -2.17 -2.99
CA PRO A 419 13.65 -1.21 -3.51
C PRO A 419 14.33 -0.15 -4.37
N VAL A 420 13.56 0.41 -5.32
CA VAL A 420 14.10 1.57 -6.07
C VAL A 420 14.44 2.69 -5.08
N TYR A 421 15.50 3.44 -5.42
CA TYR A 421 15.89 4.67 -4.72
C TYR A 421 15.59 5.86 -5.60
N ARG A 422 15.20 6.98 -4.98
CA ARG A 422 14.65 8.14 -5.68
C ARG A 422 14.83 9.39 -4.83
N ASP A 423 14.39 10.54 -5.37
CA ASP A 423 14.15 11.71 -4.53
C ASP A 423 12.76 12.33 -4.67
N VAL A 424 11.90 11.85 -5.58
CA VAL A 424 10.50 12.29 -5.64
C VAL A 424 9.62 11.06 -5.82
N VAL A 425 8.60 10.92 -4.97
CA VAL A 425 7.75 9.74 -4.99
C VAL A 425 6.28 10.17 -4.98
N ASN A 426 5.49 9.55 -5.85
CA ASN A 426 4.04 9.70 -5.82
C ASN A 426 3.48 9.04 -4.56
N THR A 427 2.74 9.80 -3.75
CA THR A 427 2.12 9.23 -2.54
C THR A 427 0.71 8.69 -2.78
N GLY A 428 0.18 8.81 -4.00
CA GLY A 428 -1.01 8.05 -4.35
C GLY A 428 -2.31 8.69 -3.90
N SER A 429 -3.36 7.87 -3.92
CA SER A 429 -4.71 8.27 -3.55
C SER A 429 -5.16 7.56 -2.27
N PRO A 430 -6.26 8.01 -1.63
CA PRO A 430 -6.64 7.35 -0.38
C PRO A 430 -7.10 5.91 -0.60
N ASP A 432 -3.48 3.60 0.18
CA ASP A 432 -2.05 3.83 -0.03
C ASP A 432 -1.37 4.38 1.20
N ASN A 433 -0.17 3.88 1.45
CA ASN A 433 0.65 4.31 2.58
C ASN A 433 2.11 4.24 2.10
N VAL A 434 2.49 5.20 1.26
CA VAL A 434 3.83 5.24 0.68
C VAL A 434 4.86 5.47 1.79
N THR A 435 5.87 4.60 1.86
CA THR A 435 6.88 4.70 2.91
C THR A 435 8.29 4.64 2.34
N ILE A 436 9.18 5.43 2.94
CA ILE A 436 10.51 5.66 2.40
C ILE A 436 11.53 5.55 3.53
N ARG A 437 12.78 5.23 3.15
CA ARG A 437 13.86 5.15 4.12
C ARG A 437 15.10 5.88 3.65
N PHE A 438 15.83 6.44 4.60
CA PHE A 438 17.13 7.02 4.28
C PHE A 438 18.00 7.05 5.54
N ARG A 439 19.31 7.18 5.32
CA ARG A 439 20.29 7.34 6.40
C ARG A 439 20.65 8.82 6.55
N THR A 440 20.70 9.30 7.80
CA THR A 440 21.06 10.71 8.04
C THR A 440 22.58 10.87 8.07
N ASP A 441 23.15 11.25 6.93
CA ASP A 441 24.59 11.53 6.86
C ASP A 441 24.88 12.92 6.32
N ASN A 442 23.89 13.82 6.35
CA ASN A 442 23.99 15.10 5.65
C ASN A 442 23.43 16.21 6.53
N PRO A 443 24.23 16.72 7.47
CA PRO A 443 23.70 17.65 8.47
C PRO A 443 23.19 18.94 7.84
N GLY A 444 21.97 19.31 8.22
CA GLY A 444 21.42 20.60 7.86
C GLY A 444 19.91 20.54 7.87
N PRO A 445 19.28 21.70 7.69
CA PRO A 445 17.81 21.78 7.46
C PRO A 445 17.46 21.47 6.02
N TRP A 446 16.67 20.44 5.83
CA TRP A 446 16.23 20.01 4.53
C TRP A 446 14.73 19.94 4.39
N PHE A 447 14.22 20.59 3.40
CA PHE A 447 12.82 20.64 3.08
C PHE A 447 12.24 19.30 2.66
N LEU A 448 11.05 18.98 3.12
CA LEU A 448 10.33 17.79 2.75
C LEU A 448 9.00 18.35 2.36
N HIS A 449 8.59 18.19 1.13
CA HIS A 449 7.35 18.83 0.72
C HIS A 449 6.79 18.17 -0.52
N CYS A 450 5.50 18.39 -0.73
CA CYS A 450 4.88 17.98 -1.96
C CYS A 450 5.26 18.95 -3.06
N HIS A 451 5.58 18.41 -4.24
CA HIS A 451 6.13 19.24 -5.31
C HIS A 451 5.07 19.76 -6.28
N ILE A 452 3.78 19.62 -6.00
CA ILE A 452 2.81 20.41 -6.74
C ILE A 452 2.88 21.81 -6.14
N ASP A 453 3.35 22.77 -6.93
CA ASP A 453 3.94 23.98 -6.36
C ASP A 453 2.92 24.89 -5.72
N PHE A 454 1.65 24.84 -6.14
CA PHE A 454 0.57 25.54 -5.44
C PHE A 454 0.33 24.98 -4.05
N HIS A 455 0.29 23.64 -3.92
CA HIS A 455 0.17 23.06 -2.59
C HIS A 455 1.32 23.51 -1.68
N LEU A 456 2.51 23.71 -2.25
CA LEU A 456 3.66 24.14 -1.45
C LEU A 456 3.46 25.56 -0.94
N ASP A 457 3.05 26.47 -1.81
CA ASP A 457 2.80 27.84 -1.36
C ASP A 457 1.70 27.87 -0.30
N ALA A 458 0.79 26.91 -0.33
CA ALA A 458 -0.29 26.76 0.64
C ALA A 458 0.17 26.09 1.95
N GLY A 459 1.46 25.82 2.10
CA GLY A 459 2.00 25.29 3.35
C GLY A 459 2.15 23.77 3.47
N PHE A 460 2.15 23.04 2.35
CA PHE A 460 2.15 21.57 2.38
C PHE A 460 3.60 21.07 2.49
N ALA A 461 4.18 21.27 3.67
CA ALA A 461 5.61 21.05 3.82
C ALA A 461 6.05 21.01 5.28
N VAL A 462 7.18 20.35 5.52
CA VAL A 462 7.90 20.33 6.79
C VAL A 462 9.40 20.39 6.50
N VAL A 463 10.19 20.63 7.53
CA VAL A 463 11.63 20.71 7.33
C VAL A 463 12.30 19.71 8.26
N MET A 464 13.14 18.85 7.68
CA MET A 464 13.96 17.92 8.45
C MET A 464 15.23 18.63 8.93
N ALA A 465 15.33 18.87 10.23
CA ALA A 465 16.51 19.49 10.83
C ALA A 465 17.53 18.41 11.19
N GLU A 466 18.37 18.05 10.23
CA GLU A 466 19.27 16.91 10.37
C GLU A 466 20.53 17.28 11.14
N ASP A 467 20.82 16.52 12.18
CA ASP A 467 22.02 16.66 13.00
C ASP A 467 22.35 18.13 13.27
N THR A 468 21.42 18.79 13.97
CA THR A 468 21.56 20.23 14.19
C THR A 468 22.81 20.66 14.96
N PRO A 469 23.40 19.89 15.91
CA PRO A 469 24.62 20.37 16.60
C PRO A 469 25.82 20.53 15.67
N ASP A 470 25.80 19.87 14.52
CA ASP A 470 26.95 19.83 13.62
C ASP A 470 26.75 20.68 12.39
N VAL A 471 25.56 21.27 12.23
CA VAL A 471 25.26 22.07 11.04
C VAL A 471 26.18 23.27 10.97
N ALA A 472 26.40 23.94 12.10
CA ALA A 472 27.33 25.07 12.13
C ALA A 472 28.73 24.73 11.64
N ALA A 473 29.26 23.57 12.05
CA ALA A 473 30.61 23.20 11.63
C ALA A 473 30.65 22.70 10.18
N THR A 474 29.66 21.90 9.78
CA THR A 474 29.73 21.28 8.47
C THR A 474 29.42 22.24 7.32
N ASN A 475 28.76 23.35 7.56
CA ASN A 475 28.34 24.22 6.47
C ASN A 475 28.84 25.64 6.69
N PRO A 476 30.16 25.88 6.55
CA PRO A 476 30.65 27.26 6.54
C PRO A 476 29.96 28.04 5.44
N VAL A 477 29.69 29.32 5.72
CA VAL A 477 28.80 30.13 4.90
C VAL A 477 29.56 31.30 4.28
N PRO A 478 29.55 31.46 2.95
CA PRO A 478 30.28 32.59 2.34
C PRO A 478 29.72 33.94 2.79
N GLN A 479 30.58 34.96 2.77
CA GLN A 479 30.14 36.30 3.17
C GLN A 479 28.91 36.75 2.40
N ALA A 480 28.89 36.48 1.10
CA ALA A 480 27.78 36.89 0.25
C ALA A 480 26.46 36.33 0.74
N TRP A 481 26.46 35.10 1.27
CA TRP A 481 25.23 34.50 1.76
C TRP A 481 24.73 35.21 3.01
N SER A 482 25.64 35.59 3.91
CA SER A 482 25.24 36.32 5.12
C SER A 482 24.64 37.68 4.77
N ASP A 483 25.11 38.28 3.67
CA ASP A 483 24.61 39.58 3.22
C ASP A 483 23.20 39.50 2.68
N LEU A 484 22.69 38.29 2.41
CA LEU A 484 21.43 38.17 1.70
C LEU A 484 20.26 38.73 2.52
N CYS A 485 20.17 38.37 3.81
CA CYS A 485 18.95 38.68 4.55
C CYS A 485 18.77 40.18 4.83
N PRO A 486 19.76 40.92 5.34
CA PRO A 486 19.55 42.38 5.49
C PRO A 486 19.11 43.05 4.20
N THR A 487 19.80 42.76 3.08
CA THR A 487 19.42 43.29 1.77
C THR A 487 17.96 43.01 1.45
N TYR A 488 17.52 41.76 1.61
CA TYR A 488 16.13 41.44 1.35
C TYR A 488 15.20 42.23 2.26
N ASP A 489 15.54 42.29 3.56
CA ASP A 489 14.66 42.90 4.54
C ASP A 489 14.57 44.41 4.37
N ALA A 490 15.55 45.04 3.72
CA ALA A 490 15.45 46.46 3.44
C ALA A 490 14.42 46.77 2.34
N LEU A 491 14.18 45.83 1.43
CA LEU A 491 13.20 46.05 0.36
C LEU A 491 11.79 46.18 0.91
N SER A 492 11.06 47.18 0.40
CA SER A 492 9.63 47.31 0.72
C SER A 492 8.88 46.07 0.23
N SER B 1 -21.68 -13.45 -7.68
CA SER B 1 -21.26 -12.97 -6.37
C SER B 1 -21.91 -11.63 -6.01
N ILE B 2 -21.59 -11.08 -4.84
CA ILE B 2 -22.11 -9.80 -4.39
C ILE B 2 -20.98 -8.99 -3.75
N GLY B 3 -21.25 -7.72 -3.50
CA GLY B 3 -20.30 -6.85 -2.85
C GLY B 3 -19.49 -6.02 -3.82
N PRO B 4 -18.77 -5.02 -3.31
CA PRO B 4 -18.62 -4.75 -1.88
C PRO B 4 -19.78 -3.94 -1.26
N VAL B 5 -20.70 -3.44 -2.08
CA VAL B 5 -21.87 -2.70 -1.59
C VAL B 5 -23.11 -3.56 -1.84
N ALA B 6 -23.70 -4.08 -0.78
CA ALA B 6 -24.91 -4.89 -0.93
C ALA B 6 -25.67 -4.92 0.38
N ASP B 7 -26.87 -5.48 0.33
CA ASP B 7 -27.64 -5.78 1.51
C ASP B 7 -27.41 -7.23 1.90
N LEU B 8 -27.26 -7.47 3.20
CA LEU B 8 -27.22 -8.83 3.74
C LEU B 8 -28.45 -8.94 4.61
N THR B 9 -29.47 -9.62 4.09
CA THR B 9 -30.69 -9.88 4.84
C THR B 9 -30.56 -11.26 5.47
N ILE B 10 -30.63 -11.30 6.79
CA ILE B 10 -30.45 -12.53 7.57
C ILE B 10 -31.82 -13.01 8.00
N SER B 11 -32.09 -14.29 7.78
CA SER B 11 -33.36 -14.84 8.26
C SER B 11 -33.15 -16.32 8.56
N ASN B 12 -34.22 -16.99 8.96
CA ASN B 12 -34.17 -18.41 9.29
C ASN B 12 -34.91 -19.19 8.20
N GLY B 13 -34.49 -20.44 7.98
CA GLY B 13 -35.19 -21.30 7.02
C GLY B 13 -34.72 -22.73 7.02
N ALA B 14 -35.47 -23.58 6.33
CA ALA B 14 -35.15 -24.99 6.22
C ALA B 14 -34.01 -25.20 5.22
N VAL B 15 -33.02 -26.00 5.61
CA VAL B 15 -31.94 -26.39 4.71
C VAL B 15 -31.67 -27.87 4.89
N SER B 16 -31.02 -28.43 3.90
CA SER B 16 -30.77 -29.87 3.88
C SER B 16 -29.43 -30.15 3.20
N PRO B 17 -28.34 -29.54 3.66
CA PRO B 17 -27.10 -29.63 2.88
C PRO B 17 -26.52 -31.03 2.82
N ASP B 18 -26.93 -31.94 3.72
CA ASP B 18 -26.50 -33.34 3.66
C ASP B 18 -27.68 -34.31 3.60
N GLY B 19 -28.84 -33.86 3.11
CA GLY B 19 -29.99 -34.71 2.94
C GLY B 19 -30.93 -34.79 4.14
N PHE B 20 -30.54 -34.23 5.28
CA PHE B 20 -31.39 -34.16 6.47
C PHE B 20 -31.96 -32.75 6.59
N SER B 21 -33.29 -32.63 6.69
CA SER B 21 -33.90 -31.31 6.72
C SER B 21 -33.88 -30.71 8.13
N ARG B 22 -33.54 -29.42 8.23
CA ARG B 22 -33.46 -28.75 9.52
C ARG B 22 -33.54 -27.25 9.35
N GLN B 23 -33.92 -26.58 10.45
CA GLN B 23 -33.91 -25.13 10.44
C GLN B 23 -32.48 -24.65 10.67
N ALA B 24 -32.12 -23.55 9.98
CA ALA B 24 -30.78 -22.97 10.08
C ALA B 24 -30.89 -21.46 9.81
N ILE B 25 -29.74 -20.81 9.61
CA ILE B 25 -29.69 -19.37 9.32
C ILE B 25 -29.47 -19.18 7.83
N LEU B 26 -30.29 -18.34 7.22
CA LEU B 26 -30.20 -18.02 5.80
C LEU B 26 -29.67 -16.61 5.60
N VAL B 27 -28.96 -16.42 4.49
CA VAL B 27 -28.40 -15.11 4.12
C VAL B 27 -28.82 -14.80 2.68
N ASN B 28 -29.54 -13.69 2.50
CA ASN B 28 -30.25 -13.39 1.24
C ASN B 28 -30.98 -14.61 0.72
N ASP B 29 -31.57 -15.36 1.65
CA ASP B 29 -32.43 -16.51 1.39
C ASP B 29 -31.72 -17.78 0.94
N VAL B 30 -30.40 -17.89 1.07
CA VAL B 30 -29.71 -19.08 0.56
C VAL B 30 -28.77 -19.64 1.63
N PHE B 31 -28.53 -20.96 1.53
CA PHE B 31 -27.52 -21.63 2.34
C PHE B 31 -26.67 -22.50 1.42
N PRO B 32 -25.33 -22.49 1.56
CA PRO B 32 -24.52 -21.66 2.47
C PRO B 32 -24.56 -20.18 2.10
N SER B 33 -24.01 -19.34 2.97
CA SER B 33 -24.12 -17.92 2.78
C SER B 33 -23.30 -17.50 1.57
N PRO B 34 -23.72 -16.46 0.86
CA PRO B 34 -23.11 -16.17 -0.44
C PRO B 34 -21.68 -15.67 -0.32
N LEU B 35 -20.89 -16.00 -1.35
CA LEU B 35 -19.59 -15.38 -1.55
C LEU B 35 -19.71 -13.86 -1.75
N ILE B 36 -18.85 -13.09 -1.08
CA ILE B 36 -18.74 -11.64 -1.24
C ILE B 36 -17.40 -11.34 -1.91
N THR B 37 -17.38 -10.34 -2.81
CA THR B 37 -16.11 -9.94 -3.43
C THR B 37 -15.93 -8.42 -3.49
N GLY B 38 -14.67 -8.02 -3.46
CA GLY B 38 -14.29 -6.69 -3.86
C GLY B 38 -12.93 -6.71 -4.53
N ASN B 39 -12.46 -5.52 -4.90
CA ASN B 39 -11.08 -5.29 -5.27
C ASN B 39 -10.36 -4.63 -4.11
N LYS B 40 -9.05 -4.88 -4.03
CA LYS B 40 -8.21 -4.18 -3.08
C LYS B 40 -8.44 -2.69 -3.22
N GLY B 41 -8.77 -2.03 -2.11
CA GLY B 41 -9.04 -0.62 -2.14
C GLY B 41 -10.50 -0.26 -2.23
N ASP B 42 -11.39 -1.23 -2.30
CA ASP B 42 -12.81 -0.93 -2.32
C ASP B 42 -13.33 -0.57 -0.93
N ARG B 43 -14.24 0.39 -0.90
CA ARG B 43 -15.05 0.65 0.28
C ARG B 43 -16.13 -0.44 0.33
N PHE B 44 -16.25 -1.12 1.46
CA PHE B 44 -17.26 -2.17 1.64
C PHE B 44 -18.42 -1.60 2.46
N GLN B 45 -19.63 -1.67 1.92
CA GLN B 45 -20.85 -1.18 2.59
C GLN B 45 -21.85 -2.32 2.57
N LEU B 46 -21.85 -3.12 3.63
CA LEU B 46 -22.69 -4.30 3.72
C LEU B 46 -23.77 -4.00 4.75
N ASN B 47 -24.99 -3.79 4.28
CA ASN B 47 -26.07 -3.38 5.16
C ASN B 47 -26.76 -4.62 5.70
N VAL B 48 -26.53 -4.93 6.96
CA VAL B 48 -27.00 -6.19 7.51
C VAL B 48 -28.37 -6.01 8.12
N ILE B 49 -29.35 -6.71 7.56
CA ILE B 49 -30.76 -6.61 7.87
C ILE B 49 -31.15 -7.87 8.62
N ASP B 50 -31.35 -7.75 9.94
CA ASP B 50 -31.65 -8.89 10.79
C ASP B 50 -33.16 -9.14 10.74
N ASN B 51 -33.57 -10.30 10.20
CA ASN B 51 -34.96 -10.76 10.18
C ASN B 51 -35.07 -12.15 10.76
N MET B 52 -34.19 -12.51 11.69
CA MET B 52 -34.29 -13.82 12.30
C MET B 52 -35.44 -13.83 13.30
N THR B 53 -36.17 -14.93 13.31
CA THR B 53 -37.25 -15.15 14.25
C THR B 53 -37.01 -16.36 15.13
N ASN B 54 -35.94 -17.13 14.89
CA ASN B 54 -35.69 -18.37 15.60
C ASN B 54 -34.91 -18.09 16.88
N HIS B 55 -35.48 -18.44 18.03
CA HIS B 55 -34.86 -18.13 19.30
C HIS B 55 -33.79 -19.14 19.69
N THR B 56 -33.96 -20.41 19.33
CA THR B 56 -32.91 -21.38 19.62
C THR B 56 -31.59 -20.98 18.97
N MET B 57 -31.63 -20.49 17.73
CA MET B 57 -30.42 -20.05 17.04
C MET B 57 -30.15 -18.54 17.22
N LEU B 58 -30.95 -17.87 18.06
CA LEU B 58 -30.76 -16.49 18.52
C LEU B 58 -31.17 -15.49 17.45
N LYS B 59 -32.01 -14.51 17.86
CA LYS B 59 -32.56 -13.53 16.92
C LYS B 59 -31.64 -12.35 16.71
N SER B 60 -30.80 -12.01 17.70
CA SER B 60 -29.76 -11.00 17.53
C SER B 60 -28.58 -11.59 16.77
N THR B 61 -27.83 -10.71 16.09
CA THR B 61 -26.66 -11.17 15.32
C THR B 61 -25.59 -10.09 15.31
N SER B 62 -24.43 -10.37 14.69
CA SER B 62 -23.37 -9.37 14.69
C SER B 62 -22.39 -9.29 13.51
N ILE B 63 -22.07 -10.38 12.84
CA ILE B 63 -21.17 -10.37 11.66
C ILE B 63 -19.79 -9.74 11.88
N HIS B 64 -18.76 -10.57 11.80
CA HIS B 64 -17.37 -10.16 11.87
C HIS B 64 -16.73 -10.40 10.50
N TRP B 65 -15.85 -9.49 10.07
CA TRP B 65 -15.24 -9.59 8.73
C TRP B 65 -13.82 -10.11 8.88
N HIS B 66 -13.68 -11.42 8.91
CA HIS B 66 -12.49 -12.05 9.51
C HIS B 66 -11.25 -11.79 8.66
N GLY B 67 -10.29 -11.09 9.25
CA GLY B 67 -9.02 -10.85 8.63
C GLY B 67 -8.82 -9.43 8.17
N PHE B 68 -9.89 -8.63 8.09
CA PHE B 68 -9.76 -7.21 7.74
C PHE B 68 -9.19 -6.42 8.92
N PHE B 69 -8.13 -5.64 8.67
CA PHE B 69 -7.50 -4.91 9.77
C PHE B 69 -8.49 -3.96 10.42
N GLN B 70 -9.45 -3.45 9.65
CA GLN B 70 -10.50 -2.62 10.22
C GLN B 70 -9.90 -1.37 10.84
N HIS B 71 -8.95 -0.76 10.12
CA HIS B 71 -8.16 0.35 10.65
C HIS B 71 -8.97 1.64 10.67
N GLY B 72 -9.11 2.24 11.83
CA GLY B 72 -9.98 3.38 12.00
C GLY B 72 -11.46 3.06 12.08
N THR B 73 -11.86 1.81 11.85
CA THR B 73 -13.27 1.46 11.92
C THR B 73 -13.45 0.27 12.86
N ASN B 74 -12.84 0.39 14.05
CA ASN B 74 -12.91 -0.65 15.08
C ASN B 74 -14.35 -1.01 15.46
N TRP B 75 -15.30 -0.08 15.29
CA TRP B 75 -16.71 -0.36 15.60
C TRP B 75 -17.31 -1.40 14.65
N ALA B 76 -16.84 -1.45 13.40
CA ALA B 76 -17.37 -2.37 12.41
C ALA B 76 -16.86 -3.80 12.55
N ASP B 77 -15.88 -4.06 13.44
CA ASP B 77 -15.18 -5.34 13.44
C ASP B 77 -16.13 -6.51 13.63
N GLY B 78 -17.20 -6.35 14.41
CA GLY B 78 -18.23 -7.36 14.51
C GLY B 78 -18.43 -8.08 15.84
N PRO B 79 -17.37 -8.40 16.58
CA PRO B 79 -17.55 -9.27 17.75
C PRO B 79 -18.44 -8.66 18.81
N ALA B 80 -19.52 -9.38 19.12
CA ALA B 80 -20.51 -8.89 20.07
C ALA B 80 -19.87 -8.65 21.43
N PHE B 81 -20.13 -7.47 21.98
CA PHE B 81 -19.80 -7.06 23.34
C PHE B 81 -18.32 -6.72 23.53
N VAL B 82 -17.49 -6.75 22.49
CA VAL B 82 -16.19 -6.09 22.52
C VAL B 82 -16.12 -4.91 21.55
N ASN B 83 -16.80 -4.99 20.40
CA ASN B 83 -16.77 -3.92 19.42
C ASN B 83 -18.15 -3.34 19.09
N GLN B 84 -19.23 -3.96 19.54
CA GLN B 84 -20.58 -3.45 19.29
C GLN B 84 -21.53 -4.25 20.18
N CYS B 85 -22.83 -3.72 20.29
CA CYS B 85 -23.90 -4.58 20.75
C CYS B 85 -24.56 -5.25 19.54
N PRO B 86 -25.19 -6.41 19.68
CA PRO B 86 -25.67 -7.13 18.49
C PRO B 86 -26.85 -6.41 17.85
N ILE B 87 -26.96 -6.56 16.52
CA ILE B 87 -28.15 -6.10 15.84
C ILE B 87 -29.32 -6.92 16.34
N SER B 88 -30.46 -6.26 16.55
CA SER B 88 -31.69 -6.93 16.95
C SER B 88 -32.61 -7.16 15.76
N THR B 89 -33.40 -8.24 15.84
CA THR B 89 -34.31 -8.55 14.76
C THR B 89 -35.28 -7.40 14.51
N GLY B 90 -35.62 -7.19 13.24
CA GLY B 90 -36.43 -6.05 12.88
C GLY B 90 -35.64 -4.77 12.68
N HIS B 91 -34.34 -4.80 12.90
CA HIS B 91 -33.46 -3.64 12.77
C HIS B 91 -32.42 -3.91 11.69
N ALA B 92 -31.59 -2.91 11.42
CA ALA B 92 -30.53 -3.10 10.43
C ALA B 92 -29.33 -2.23 10.78
N PHE B 93 -28.14 -2.72 10.42
CA PHE B 93 -26.90 -2.00 10.68
C PHE B 93 -25.99 -2.04 9.46
N LEU B 94 -25.28 -0.93 9.25
CA LEU B 94 -24.53 -0.63 8.04
C LEU B 94 -23.03 -0.72 8.34
N TYR B 95 -22.41 -1.84 7.97
CA TYR B 95 -20.98 -2.03 8.17
C TYR B 95 -20.22 -1.31 7.05
N ASP B 96 -19.59 -0.20 7.39
CA ASP B 96 -18.99 0.70 6.42
C ASP B 96 -17.50 0.73 6.71
N PHE B 97 -16.70 0.10 5.87
CA PHE B 97 -15.27 0.13 6.12
C PHE B 97 -14.50 0.11 4.81
N GLN B 98 -13.19 0.27 4.95
CA GLN B 98 -12.20 0.25 3.89
C GLN B 98 -11.39 -1.04 3.98
N VAL B 99 -11.02 -1.58 2.82
CA VAL B 99 -9.92 -2.55 2.73
C VAL B 99 -8.92 -2.00 1.71
N PRO B 100 -8.04 -1.03 2.11
CA PRO B 100 -7.17 -0.37 1.12
C PRO B 100 -5.84 -1.05 0.89
N ASP B 101 -5.40 -1.88 1.84
CA ASP B 101 -4.07 -2.45 1.84
C ASP B 101 -4.04 -3.98 1.95
N GLN B 102 -5.20 -4.65 1.94
CA GLN B 102 -5.22 -6.11 1.96
C GLN B 102 -5.74 -6.68 0.66
N ALA B 103 -5.39 -7.94 0.42
CA ALA B 103 -5.84 -8.71 -0.73
C ALA B 103 -5.67 -10.16 -0.37
N GLY B 104 -6.63 -11.00 -0.75
CA GLY B 104 -6.53 -12.43 -0.50
C GLY B 104 -7.89 -13.06 -0.19
N THR B 105 -7.86 -14.18 0.52
CA THR B 105 -9.06 -14.95 0.86
C THR B 105 -9.46 -14.66 2.31
N PHE B 106 -10.70 -14.19 2.52
CA PHE B 106 -11.24 -13.94 3.85
C PHE B 106 -12.60 -14.59 4.04
N TRP B 107 -13.26 -14.35 5.16
CA TRP B 107 -14.62 -14.86 5.27
C TRP B 107 -15.36 -14.03 6.31
N TYR B 108 -16.69 -14.24 6.37
CA TYR B 108 -17.54 -13.56 7.33
C TYR B 108 -18.33 -14.58 8.11
N HIS B 109 -18.64 -14.25 9.35
CA HIS B 109 -19.48 -15.13 10.16
C HIS B 109 -20.06 -14.32 11.30
N SER B 110 -21.14 -14.84 11.87
CA SER B 110 -21.65 -14.23 13.09
C SER B 110 -20.56 -14.22 14.13
N HIS B 111 -20.62 -13.25 15.02
CA HIS B 111 -19.69 -13.22 16.14
C HIS B 111 -20.48 -13.01 17.41
N LEU B 112 -21.55 -13.79 17.51
CA LEU B 112 -22.47 -13.77 18.63
C LEU B 112 -22.71 -15.22 19.05
N SER B 113 -22.33 -15.55 20.30
CA SER B 113 -22.40 -16.90 20.88
C SER B 113 -21.83 -17.91 19.88
N THR B 114 -22.52 -19.02 19.59
CA THR B 114 -22.12 -20.02 18.60
C THR B 114 -22.99 -19.94 17.35
N GLN B 115 -23.52 -18.75 17.06
CA GLN B 115 -24.54 -18.63 16.03
C GLN B 115 -24.02 -19.01 14.65
N TYR B 116 -22.74 -18.77 14.38
CA TYR B 116 -22.27 -19.06 13.03
C TYR B 116 -22.18 -20.57 12.77
N CYS B 117 -22.05 -21.38 13.83
CA CYS B 117 -22.25 -22.82 13.67
C CYS B 117 -23.60 -23.13 13.04
N ASP B 118 -24.63 -22.32 13.31
CA ASP B 118 -25.96 -22.55 12.79
C ASP B 118 -26.14 -22.05 11.36
N GLY B 119 -25.08 -21.60 10.70
CA GLY B 119 -25.09 -21.40 9.27
C GLY B 119 -24.84 -20.00 8.78
N LEU B 120 -24.52 -19.03 9.63
CA LEU B 120 -24.23 -17.67 9.17
C LEU B 120 -22.70 -17.59 9.02
N ARG B 121 -22.22 -17.88 7.80
CA ARG B 121 -20.80 -17.91 7.51
C ARG B 121 -20.59 -18.05 6.00
N GLY B 122 -19.67 -17.27 5.42
CA GLY B 122 -19.40 -17.40 4.01
C GLY B 122 -18.05 -16.82 3.59
N PRO B 123 -17.59 -17.18 2.40
CA PRO B 123 -16.27 -16.73 1.96
C PRO B 123 -16.29 -15.27 1.53
N ILE B 124 -15.15 -14.61 1.71
CA ILE B 124 -14.89 -13.31 1.06
C ILE B 124 -13.60 -13.45 0.28
N VAL B 125 -13.56 -12.87 -0.91
CA VAL B 125 -12.34 -12.81 -1.71
C VAL B 125 -12.13 -11.37 -2.13
N VAL B 126 -11.02 -10.77 -1.69
CA VAL B 126 -10.60 -9.44 -2.13
C VAL B 126 -9.50 -9.62 -3.17
N TYR B 127 -9.80 -9.29 -4.42
CA TYR B 127 -8.85 -9.50 -5.50
C TYR B 127 -7.83 -8.36 -5.56
N ASP B 128 -6.68 -8.68 -6.17
CA ASP B 128 -5.54 -7.78 -6.32
C ASP B 128 -5.39 -7.47 -7.79
N PRO B 129 -5.62 -6.22 -8.23
CA PRO B 129 -5.36 -5.89 -9.63
C PRO B 129 -3.98 -6.32 -10.10
N GLN B 130 -2.96 -6.16 -9.26
CA GLN B 130 -1.61 -6.56 -9.63
C GLN B 130 -1.10 -7.70 -8.76
N ASP B 131 -1.86 -8.78 -8.69
CA ASP B 131 -1.48 -9.94 -7.90
C ASP B 131 -0.15 -10.51 -8.39
N PRO B 132 0.89 -10.52 -7.55
CA PRO B 132 2.21 -11.00 -8.01
C PRO B 132 2.20 -12.44 -8.46
N HIS B 133 1.16 -13.19 -8.14
CA HIS B 133 1.11 -14.61 -8.47
C HIS B 133 0.30 -14.87 -9.73
N LYS B 134 -0.21 -13.80 -10.37
CA LYS B 134 -1.17 -13.94 -11.45
C LYS B 134 -0.65 -14.80 -12.59
N SER B 135 0.66 -14.79 -12.85
CA SER B 135 1.14 -15.60 -13.97
C SER B 135 1.07 -17.08 -13.67
N LEU B 136 0.80 -17.46 -12.42
CA LEU B 136 0.70 -18.89 -12.12
C LEU B 136 -0.63 -19.51 -12.53
N TYR B 137 -1.65 -18.73 -12.86
CA TYR B 137 -2.93 -19.39 -13.10
C TYR B 137 -3.71 -18.70 -14.20
N ASP B 138 -4.66 -19.45 -14.74
CA ASP B 138 -5.55 -18.91 -15.77
C ASP B 138 -6.93 -18.50 -15.25
N VAL B 139 -7.38 -19.04 -14.13
CA VAL B 139 -8.76 -18.90 -13.65
C VAL B 139 -8.74 -18.58 -12.17
N ASP B 140 -9.53 -17.58 -11.77
CA ASP B 140 -9.66 -17.20 -10.35
C ASP B 140 -11.04 -16.55 -10.16
N ASP B 141 -12.04 -17.34 -9.83
CA ASP B 141 -13.36 -16.76 -9.80
C ASP B 141 -14.20 -17.53 -8.81
N ASP B 142 -15.50 -17.23 -8.82
CA ASP B 142 -16.47 -17.81 -7.91
C ASP B 142 -16.47 -19.34 -7.98
N SER B 143 -16.29 -19.89 -9.17
CA SER B 143 -16.19 -21.34 -9.27
C SER B 143 -14.88 -21.91 -8.71
N THR B 144 -13.94 -21.11 -8.21
CA THR B 144 -12.71 -21.68 -7.69
C THR B 144 -12.59 -21.53 -6.19
N VAL B 145 -13.61 -20.99 -5.54
CA VAL B 145 -13.64 -20.85 -4.09
C VAL B 145 -14.17 -22.13 -3.47
N ILE B 146 -13.44 -22.68 -2.54
CA ILE B 146 -13.83 -23.94 -1.95
C ILE B 146 -13.87 -23.75 -0.44
N THR B 147 -15.04 -23.93 0.16
CA THR B 147 -15.20 -23.89 1.61
C THR B 147 -15.27 -25.31 2.17
N LEU B 148 -14.88 -25.43 3.43
CA LEU B 148 -15.01 -26.61 4.28
C LEU B 148 -15.76 -26.17 5.53
N ALA B 149 -16.75 -26.95 5.97
CA ALA B 149 -17.53 -26.59 7.15
C ALA B 149 -18.01 -27.84 7.88
N ASP B 150 -18.13 -27.74 9.20
CA ASP B 150 -18.80 -28.80 9.96
C ASP B 150 -20.29 -28.54 9.97
N TRP B 151 -21.09 -29.63 9.91
CA TRP B 151 -22.53 -29.52 9.96
C TRP B 151 -23.10 -30.50 10.98
N TYR B 152 -24.05 -30.02 11.78
CA TYR B 152 -24.65 -30.76 12.89
C TYR B 152 -26.15 -30.80 12.68
N HIS B 153 -26.77 -31.94 13.02
CA HIS B 153 -28.21 -32.08 12.85
C HIS B 153 -28.99 -31.41 13.97
N LEU B 154 -28.35 -31.09 15.07
CA LEU B 154 -28.96 -30.27 16.10
C LEU B 154 -28.18 -28.96 16.17
N ALA B 155 -28.90 -27.85 16.35
CA ALA B 155 -28.29 -26.54 16.51
C ALA B 155 -27.21 -26.54 17.60
N ALA B 156 -26.33 -25.52 17.58
CA ALA B 156 -25.27 -25.46 18.56
C ALA B 156 -25.77 -25.21 19.98
N LYS B 157 -27.04 -24.87 20.16
CA LYS B 157 -27.62 -24.70 21.50
C LYS B 157 -28.26 -26.00 21.99
N VAL B 158 -29.10 -26.63 21.16
CA VAL B 158 -29.69 -27.91 21.50
C VAL B 158 -28.68 -29.02 21.75
N PRO B 160 -25.50 -30.46 23.89
CA PRO B 160 -24.24 -31.13 24.18
C PRO B 160 -23.04 -30.19 24.18
N ALA B 161 -22.24 -30.24 25.25
CA ALA B 161 -21.15 -29.28 25.41
C ALA B 161 -20.16 -29.31 24.27
N ALA B 162 -19.87 -30.49 23.74
CA ALA B 162 -18.94 -30.64 22.61
C ALA B 162 -19.43 -31.77 21.70
N PRO B 163 -20.21 -31.45 20.67
CA PRO B 163 -20.72 -32.48 19.77
C PRO B 163 -19.74 -32.82 18.65
N THR B 164 -20.01 -33.95 17.99
CA THR B 164 -19.23 -34.35 16.82
C THR B 164 -20.08 -34.15 15.58
N ALA B 165 -19.44 -33.74 14.48
CA ALA B 165 -20.20 -33.32 13.30
C ALA B 165 -20.91 -34.51 12.69
N ASP B 166 -22.09 -34.24 12.12
CA ASP B 166 -22.79 -35.26 11.35
C ASP B 166 -22.34 -35.28 9.91
N ALA B 167 -21.75 -34.19 9.44
CA ALA B 167 -21.31 -34.15 8.07
C ALA B 167 -20.19 -33.12 7.95
N THR B 168 -19.32 -33.37 6.98
CA THR B 168 -18.41 -32.38 6.48
C THR B 168 -19.04 -31.83 5.20
N LEU B 169 -19.12 -30.52 5.11
CA LEU B 169 -19.72 -29.86 3.97
C LEU B 169 -18.60 -29.28 3.11
N ILE B 170 -18.69 -29.51 1.83
CA ILE B 170 -17.74 -29.01 0.87
C ILE B 170 -18.55 -28.17 -0.08
N ASN B 171 -18.35 -26.85 -0.05
CA ASN B 171 -19.18 -25.91 -0.79
C ASN B 171 -20.64 -26.04 -0.37
N GLY B 172 -20.87 -26.26 0.92
CA GLY B 172 -22.21 -26.44 1.47
C GLY B 172 -22.88 -27.77 1.20
N LEU B 173 -22.16 -28.76 0.65
CA LEU B 173 -22.72 -30.06 0.34
C LEU B 173 -21.79 -31.15 0.85
N GLY B 174 -22.38 -32.31 1.18
CA GLY B 174 -21.63 -33.44 1.73
C GLY B 174 -22.59 -34.53 2.19
N ARG B 175 -22.03 -35.62 2.70
CA ARG B 175 -22.84 -36.76 3.12
C ARG B 175 -22.68 -37.08 4.60
N SER B 176 -23.74 -37.64 5.20
CA SER B 176 -23.67 -38.22 6.55
C SER B 176 -23.80 -39.74 6.46
N ILE B 177 -23.40 -40.42 7.54
CA ILE B 177 -23.42 -41.88 7.55
C ILE B 177 -24.77 -42.46 7.13
N ASN B 178 -25.85 -41.86 7.58
CA ASN B 178 -27.16 -42.34 7.21
C ASN B 178 -27.78 -41.56 6.06
N THR B 179 -26.95 -40.88 5.26
CA THR B 179 -27.41 -40.21 4.05
C THR B 179 -26.42 -40.46 2.93
N LEU B 180 -25.97 -41.71 2.80
CA LEU B 180 -24.87 -42.07 1.94
C LEU B 180 -25.06 -41.66 0.48
N ASN B 181 -26.24 -41.07 0.15
CA ASN B 181 -26.57 -40.77 -1.24
C ASN B 181 -27.01 -39.32 -1.47
N ALA B 182 -26.75 -38.38 -0.56
CA ALA B 182 -27.12 -37.00 -0.84
C ALA B 182 -26.16 -36.37 -1.85
N ASP B 183 -26.55 -35.22 -2.41
CA ASP B 183 -25.76 -34.67 -3.50
C ASP B 183 -24.44 -34.10 -3.01
N LEU B 184 -23.39 -34.30 -3.80
CA LEU B 184 -22.04 -33.84 -3.50
C LEU B 184 -21.69 -32.65 -4.37
N ALA B 185 -20.71 -31.89 -3.89
CA ALA B 185 -20.19 -30.75 -4.64
C ALA B 185 -19.35 -31.19 -5.83
N VAL B 186 -19.57 -30.51 -6.97
CA VAL B 186 -18.84 -30.75 -8.22
C VAL B 186 -18.06 -29.48 -8.53
N ILE B 187 -16.72 -29.56 -8.57
CA ILE B 187 -15.85 -28.44 -8.94
C ILE B 187 -15.25 -28.76 -10.31
N THR B 188 -15.58 -27.93 -11.31
CA THR B 188 -15.29 -28.21 -12.70
C THR B 188 -14.03 -27.48 -13.17
N VAL B 189 -13.10 -28.22 -13.79
CA VAL B 189 -11.86 -27.65 -14.30
C VAL B 189 -11.68 -28.13 -15.74
N THR B 190 -11.15 -27.26 -16.58
CA THR B 190 -10.85 -27.62 -17.97
C THR B 190 -9.43 -28.17 -18.05
N LYS B 191 -9.28 -29.33 -18.69
CA LYS B 191 -7.96 -29.88 -18.94
C LYS B 191 -7.12 -28.88 -19.74
N GLY B 192 -5.83 -28.80 -19.42
CA GLY B 192 -4.94 -27.83 -20.04
C GLY B 192 -4.74 -26.50 -19.31
N LYS B 193 -5.55 -26.18 -18.29
CA LYS B 193 -5.61 -24.84 -17.71
C LYS B 193 -5.22 -24.88 -16.23
N ARG B 194 -4.94 -23.70 -15.65
CA ARG B 194 -4.43 -23.60 -14.28
C ARG B 194 -5.38 -22.78 -13.40
N TYR B 195 -5.56 -23.21 -12.15
CA TYR B 195 -6.63 -22.71 -11.30
C TYR B 195 -6.08 -22.24 -9.96
N ARG B 196 -6.41 -21.01 -9.56
CA ARG B 196 -6.10 -20.55 -8.20
C ARG B 196 -7.31 -20.85 -7.33
N PHE B 197 -7.21 -21.90 -6.53
CA PHE B 197 -8.27 -22.32 -5.61
C PHE B 197 -8.06 -21.65 -4.25
N ARG B 198 -9.14 -21.12 -3.69
CA ARG B 198 -9.13 -20.40 -2.42
C ARG B 198 -9.86 -21.25 -1.41
N LEU B 199 -9.12 -21.84 -0.48
CA LEU B 199 -9.66 -22.82 0.44
C LEU B 199 -9.98 -22.15 1.77
N VAL B 200 -11.24 -22.22 2.19
CA VAL B 200 -11.74 -21.45 3.31
C VAL B 200 -12.26 -22.40 4.39
N SER B 201 -11.76 -22.25 5.62
CA SER B 201 -12.20 -23.11 6.74
C SER B 201 -13.31 -22.38 7.49
N LEU B 202 -14.54 -22.78 7.20
CA LEU B 202 -15.74 -22.24 7.82
C LEU B 202 -16.08 -22.94 9.13
N SER B 203 -15.14 -23.71 9.67
CA SER B 203 -15.39 -24.74 10.68
C SER B 203 -15.63 -24.14 12.05
N CYS B 204 -16.51 -24.79 12.82
CA CYS B 204 -16.74 -24.42 14.22
C CYS B 204 -15.84 -25.17 15.18
N ASP B 205 -15.21 -26.25 14.73
CA ASP B 205 -14.46 -27.10 15.64
C ASP B 205 -13.41 -27.92 14.87
N PRO B 206 -13.76 -28.96 14.11
CA PRO B 206 -12.72 -29.88 13.63
C PRO B 206 -11.72 -29.23 12.68
N ASN B 207 -10.54 -29.81 12.62
CA ASN B 207 -9.61 -29.45 11.55
C ASN B 207 -9.62 -30.55 10.49
N TYR B 208 -9.34 -30.17 9.24
CA TYR B 208 -9.44 -31.07 8.09
C TYR B 208 -8.09 -31.28 7.44
N THR B 209 -7.84 -32.50 6.98
CA THR B 209 -6.66 -32.83 6.19
C THR B 209 -7.14 -32.96 4.75
N PHE B 210 -6.77 -32.02 3.90
CA PHE B 210 -7.41 -31.82 2.60
C PHE B 210 -6.49 -32.26 1.46
N SER B 211 -7.08 -32.94 0.47
CA SER B 211 -6.30 -33.34 -0.69
C SER B 211 -7.23 -33.67 -1.86
N ILE B 212 -6.62 -33.74 -3.04
CA ILE B 212 -7.29 -34.03 -4.31
C ILE B 212 -6.63 -35.29 -4.86
N ASP B 213 -7.40 -36.35 -5.09
CA ASP B 213 -6.84 -37.55 -5.70
C ASP B 213 -6.11 -37.17 -6.98
N GLY B 214 -4.90 -37.68 -7.13
CA GLY B 214 -4.12 -37.57 -8.35
C GLY B 214 -3.41 -36.25 -8.62
N HIS B 215 -3.46 -35.28 -7.70
CA HIS B 215 -2.98 -33.94 -8.02
C HIS B 215 -2.16 -33.36 -6.87
N SER B 216 -1.13 -32.62 -7.22
CA SER B 216 -0.35 -31.88 -6.25
C SER B 216 -0.80 -30.43 -6.20
N LEU B 217 -0.62 -29.81 -5.05
CA LEU B 217 -1.10 -28.46 -4.77
C LEU B 217 0.09 -27.56 -4.44
N THR B 218 0.19 -26.40 -5.10
CA THR B 218 1.22 -25.41 -4.77
C THR B 218 0.56 -24.25 -4.04
N VAL B 219 0.81 -24.16 -2.73
CA VAL B 219 0.26 -23.12 -1.87
C VAL B 219 0.89 -21.78 -2.23
N ILE B 220 0.07 -20.72 -2.35
CA ILE B 220 0.60 -19.40 -2.66
C ILE B 220 0.10 -18.31 -1.72
N GLU B 221 -0.75 -18.64 -0.74
CA GLU B 221 -1.26 -17.65 0.19
C GLU B 221 -1.66 -18.34 1.48
N ALA B 222 -1.39 -17.69 2.62
CA ALA B 222 -1.92 -18.12 3.92
C ALA B 222 -2.70 -16.97 4.55
N ASP B 223 -4.00 -17.16 4.76
CA ASP B 223 -4.82 -16.22 5.54
C ASP B 223 -4.62 -14.76 5.07
N GLY B 224 -4.64 -14.53 3.77
CA GLY B 224 -4.52 -13.17 3.28
C GLY B 224 -3.12 -12.72 2.91
N VAL B 225 -2.11 -13.51 3.23
CA VAL B 225 -0.71 -13.11 3.14
C VAL B 225 -0.08 -13.86 1.95
N ASN B 226 0.40 -13.11 0.96
CA ASN B 226 1.16 -13.73 -0.13
C ASN B 226 2.41 -14.41 0.40
N LEU B 227 2.72 -15.59 -0.13
CA LEU B 227 3.88 -16.34 0.31
C LEU B 227 4.60 -16.95 -0.90
N LYS B 228 5.81 -17.49 -0.67
CA LYS B 228 6.51 -18.16 -1.75
C LYS B 228 5.80 -19.46 -2.11
N PRO B 229 5.83 -19.86 -3.39
CA PRO B 229 5.14 -21.09 -3.79
C PRO B 229 5.72 -22.32 -3.09
N GLN B 230 4.83 -23.14 -2.54
CA GLN B 230 5.22 -24.36 -1.85
C GLN B 230 4.33 -25.48 -2.37
N THR B 231 4.92 -26.38 -3.14
CA THR B 231 4.18 -27.54 -3.64
C THR B 231 3.99 -28.55 -2.51
N VAL B 232 2.79 -29.14 -2.45
CA VAL B 232 2.39 -30.07 -1.40
C VAL B 232 1.40 -31.05 -2.03
N ASP B 233 1.10 -32.12 -1.31
CA ASP B 233 0.01 -32.99 -1.75
C ASP B 233 -1.06 -33.20 -0.69
N SER B 234 -1.04 -32.43 0.39
CA SER B 234 -2.15 -32.38 1.34
C SER B 234 -2.00 -31.16 2.21
N ILE B 235 -3.12 -30.71 2.78
CA ILE B 235 -3.15 -29.51 3.61
C ILE B 235 -4.01 -29.76 4.84
N GLN B 236 -3.41 -29.70 6.02
CA GLN B 236 -4.19 -29.65 7.25
C GLN B 236 -4.59 -28.21 7.51
N ILE B 237 -5.88 -27.94 7.57
CA ILE B 237 -6.38 -26.59 7.68
C ILE B 237 -7.29 -26.54 8.89
N PHE B 238 -6.96 -25.66 9.84
CA PHE B 238 -7.68 -25.51 11.09
C PHE B 238 -8.80 -24.49 10.91
N PRO B 239 -9.72 -24.41 11.88
CA PRO B 239 -10.84 -23.46 11.77
C PRO B 239 -10.39 -22.01 11.60
N ALA B 240 -11.02 -21.34 10.65
CA ALA B 240 -10.92 -19.93 10.31
C ALA B 240 -9.75 -19.63 9.38
N GLN B 241 -8.87 -20.59 9.08
CA GLN B 241 -7.71 -20.41 8.21
C GLN B 241 -8.13 -20.43 6.75
N ARG B 242 -7.27 -19.86 5.91
CA ARG B 242 -7.46 -19.90 4.46
C ARG B 242 -6.14 -20.18 3.77
N TYR B 243 -6.21 -20.89 2.64
CA TYR B 243 -5.05 -21.17 1.82
C TYR B 243 -5.44 -20.99 0.36
N SER B 244 -4.55 -20.39 -0.43
CA SER B 244 -4.68 -20.45 -1.88
C SER B 244 -3.61 -21.37 -2.44
N PHE B 245 -4.02 -22.26 -3.34
CA PHE B 245 -3.12 -23.19 -4.01
C PHE B 245 -3.49 -23.24 -5.49
N VAL B 246 -2.50 -23.35 -6.38
CA VAL B 246 -2.81 -23.52 -7.79
C VAL B 246 -2.83 -25.02 -8.08
N LEU B 247 -3.87 -25.45 -8.78
CA LEU B 247 -3.98 -26.80 -9.31
C LEU B 247 -3.78 -26.73 -10.81
N ASN B 248 -2.84 -27.48 -11.33
CA ASN B 248 -2.63 -27.54 -12.77
C ASN B 248 -3.42 -28.74 -13.27
N ALA B 249 -4.53 -28.47 -13.96
CA ALA B 249 -5.42 -29.53 -14.46
C ALA B 249 -4.85 -30.13 -15.75
N ASP B 250 -3.85 -31.00 -15.60
CA ASP B 250 -3.21 -31.66 -16.73
C ASP B 250 -3.24 -33.19 -16.65
N GLN B 251 -4.03 -33.77 -15.75
CA GLN B 251 -4.23 -35.21 -15.71
C GLN B 251 -5.19 -35.61 -16.82
N ASP B 252 -5.58 -36.88 -16.85
CA ASP B 252 -6.57 -37.31 -17.82
C ASP B 252 -7.94 -36.74 -17.46
N VAL B 253 -8.67 -36.30 -18.49
CA VAL B 253 -10.09 -36.00 -18.38
C VAL B 253 -10.81 -37.11 -17.63
N ASP B 254 -11.26 -36.81 -16.41
CA ASP B 254 -11.85 -37.83 -15.56
C ASP B 254 -12.43 -37.21 -14.30
N ASN B 255 -12.88 -38.03 -13.36
CA ASN B 255 -13.32 -37.57 -12.05
C ASN B 255 -12.28 -37.97 -10.99
N TYR B 256 -11.98 -37.04 -10.09
CA TYR B 256 -11.09 -37.32 -8.96
C TYR B 256 -11.79 -36.97 -7.66
N TRP B 257 -11.54 -37.79 -6.63
CA TRP B 257 -12.02 -37.49 -5.30
C TRP B 257 -11.32 -36.26 -4.72
N ILE B 258 -12.11 -35.33 -4.19
CA ILE B 258 -11.63 -34.27 -3.32
C ILE B 258 -11.90 -34.69 -1.89
N ARG B 259 -10.89 -34.65 -1.03
CA ARG B 259 -11.01 -35.29 0.27
C ARG B 259 -10.71 -34.28 1.37
N ALA B 260 -11.57 -34.24 2.39
CA ALA B 260 -11.46 -33.34 3.53
C ALA B 260 -11.64 -34.18 4.79
N LEU B 261 -10.55 -34.72 5.32
CA LEU B 261 -10.67 -35.69 6.42
C LEU B 261 -10.64 -34.96 7.75
N PRO B 262 -11.65 -35.07 8.59
CA PRO B 262 -11.64 -34.35 9.87
C PRO B 262 -10.83 -35.10 10.93
N ASN B 263 -10.43 -34.34 11.95
CA ASN B 263 -9.70 -34.93 13.07
C ASN B 263 -10.61 -35.60 14.10
N SER B 264 -11.93 -35.48 13.98
CA SER B 264 -12.87 -36.18 14.87
C SER B 264 -14.18 -36.48 14.12
N GLY B 265 -15.11 -37.12 14.83
CA GLY B 265 -16.35 -37.56 14.20
C GLY B 265 -16.14 -38.77 13.30
N THR B 266 -16.76 -38.75 12.12
CA THR B 266 -16.53 -39.79 11.11
C THR B 266 -15.14 -39.62 10.51
N ARG B 267 -14.30 -40.66 10.59
CA ARG B 267 -12.92 -40.53 10.12
C ARG B 267 -12.57 -41.56 9.05
N ASN B 268 -13.39 -41.62 8.02
CA ASN B 268 -13.05 -42.32 6.79
C ASN B 268 -13.80 -41.64 5.66
N PHE B 269 -13.73 -42.25 4.46
CA PHE B 269 -14.46 -41.82 3.28
C PHE B 269 -15.51 -42.85 2.85
N ASP B 270 -15.96 -43.72 3.76
CA ASP B 270 -16.92 -44.76 3.41
C ASP B 270 -18.20 -44.15 2.84
N GLY B 271 -18.62 -44.65 1.67
CA GLY B 271 -19.80 -44.13 1.01
C GLY B 271 -19.69 -42.69 0.56
N GLY B 272 -18.48 -42.16 0.46
CA GLY B 272 -18.32 -40.82 -0.05
C GLY B 272 -18.55 -39.71 0.96
N VAL B 273 -18.54 -40.00 2.27
CA VAL B 273 -18.49 -38.90 3.24
C VAL B 273 -17.15 -38.18 3.15
N ASN B 274 -17.14 -36.92 3.60
CA ASN B 274 -15.92 -36.14 3.71
C ASN B 274 -15.23 -35.97 2.36
N SER B 275 -16.05 -35.97 1.30
CA SER B 275 -15.55 -36.00 -0.06
C SER B 275 -16.36 -35.04 -0.92
N ALA B 276 -15.75 -34.63 -2.03
CA ALA B 276 -16.43 -34.00 -3.16
C ALA B 276 -15.75 -34.53 -4.41
N ILE B 277 -16.00 -33.88 -5.54
CA ILE B 277 -15.75 -34.41 -6.87
C ILE B 277 -15.10 -33.29 -7.68
N LEU B 278 -13.87 -33.51 -8.14
CA LEU B 278 -13.21 -32.63 -9.09
C LEU B 278 -13.53 -33.20 -10.48
N ARG B 279 -14.32 -32.48 -11.27
CA ARG B 279 -14.78 -33.02 -12.53
C ARG B 279 -14.14 -32.24 -13.68
N TYR B 280 -13.23 -32.91 -14.41
CA TYR B 280 -12.72 -32.40 -15.68
C TYR B 280 -13.85 -32.31 -16.70
N GLU B 281 -13.91 -31.18 -17.40
CA GLU B 281 -14.94 -31.03 -18.41
C GLU B 281 -14.79 -32.13 -19.45
N GLY B 282 -15.91 -32.80 -19.76
CA GLY B 282 -15.91 -33.99 -20.58
C GLY B 282 -15.97 -35.28 -19.79
N ALA B 283 -15.92 -35.23 -18.46
CA ALA B 283 -15.95 -36.48 -17.72
C ALA B 283 -17.39 -36.93 -17.56
N ALA B 284 -17.54 -38.19 -17.17
CA ALA B 284 -18.86 -38.74 -16.95
C ALA B 284 -19.53 -38.08 -15.76
N PRO B 285 -20.84 -37.86 -15.81
CA PRO B 285 -21.57 -37.36 -14.63
C PRO B 285 -21.76 -38.45 -13.58
N VAL B 286 -20.65 -38.96 -13.05
CA VAL B 286 -20.63 -40.01 -12.03
C VAL B 286 -19.58 -39.69 -10.99
N GLU B 287 -19.56 -40.51 -9.94
CA GLU B 287 -18.56 -40.34 -8.91
C GLU B 287 -17.19 -40.81 -9.40
N PRO B 288 -16.11 -40.25 -8.85
CA PRO B 288 -14.79 -40.81 -9.06
C PRO B 288 -14.68 -42.23 -8.55
N THR B 289 -13.80 -42.98 -9.18
CA THR B 289 -13.32 -44.28 -8.72
C THR B 289 -11.82 -44.23 -8.38
N THR B 290 -11.29 -43.05 -8.04
CA THR B 290 -9.85 -42.94 -7.79
C THR B 290 -9.47 -43.47 -6.40
N SER B 291 -8.30 -44.09 -6.32
CA SER B 291 -7.74 -44.56 -5.06
C SER B 291 -7.02 -43.43 -4.36
N GLN B 292 -6.96 -43.51 -3.03
CA GLN B 292 -6.20 -42.54 -2.27
C GLN B 292 -4.75 -42.99 -2.22
N THR B 293 -3.82 -42.05 -2.45
CA THR B 293 -2.40 -42.29 -2.28
C THR B 293 -1.88 -41.48 -1.10
N PRO B 294 -1.02 -42.08 -0.28
CA PRO B 294 -0.63 -41.45 0.99
C PRO B 294 0.10 -40.12 0.79
N SER B 295 -0.18 -39.16 1.67
CA SER B 295 0.60 -37.93 1.67
C SER B 295 2.05 -38.23 2.01
N THR B 296 2.99 -37.71 1.20
CA THR B 296 4.39 -37.77 1.58
C THR B 296 5.05 -36.40 1.52
N GLN B 297 4.28 -35.35 1.30
CA GLN B 297 4.75 -33.97 1.28
C GLN B 297 3.63 -33.10 1.83
N PRO B 298 3.23 -33.28 3.10
CA PRO B 298 2.16 -32.44 3.65
C PRO B 298 2.66 -31.02 3.84
N LEU B 299 1.73 -30.08 3.80
CA LEU B 299 2.02 -28.70 4.17
C LEU B 299 2.63 -28.64 5.57
N VAL B 300 3.78 -27.98 5.69
CA VAL B 300 4.48 -27.77 6.96
C VAL B 300 4.55 -26.27 7.19
N GLU B 301 3.84 -25.77 8.21
CA GLU B 301 3.74 -24.33 8.42
C GLU B 301 5.12 -23.69 8.53
N SER B 302 6.02 -24.33 9.29
CA SER B 302 7.30 -23.73 9.59
C SER B 302 8.18 -23.60 8.35
N ALA B 303 7.90 -24.33 7.28
CA ALA B 303 8.64 -24.20 6.03
C ALA B 303 8.07 -23.16 5.09
N LEU B 304 6.82 -22.75 5.29
CA LEU B 304 6.25 -21.66 4.51
C LEU B 304 6.92 -20.34 4.84
N THR B 305 6.89 -19.40 3.90
CA THR B 305 7.52 -18.11 4.10
C THR B 305 6.86 -17.07 3.22
N THR B 306 7.00 -15.81 3.63
CA THR B 306 6.41 -14.67 2.94
C THR B 306 7.07 -14.49 1.57
N LEU B 307 6.29 -13.97 0.61
CA LEU B 307 6.79 -13.78 -0.76
C LEU B 307 7.92 -12.76 -0.81
N GLU B 308 7.84 -11.69 -0.03
CA GLU B 308 8.96 -10.76 0.06
C GLU B 308 9.89 -11.08 1.22
N GLY B 309 9.58 -12.09 2.02
CA GLY B 309 10.43 -12.55 3.10
C GLY B 309 10.66 -11.55 4.20
N THR B 310 9.63 -10.82 4.61
CA THR B 310 9.79 -9.85 5.68
C THR B 310 10.25 -10.54 6.96
N ALA B 311 10.99 -9.79 7.77
CA ALA B 311 11.39 -10.27 9.08
C ALA B 311 10.21 -10.19 10.05
N ALA B 312 10.37 -10.81 11.22
CA ALA B 312 9.38 -10.61 12.25
C ALA B 312 9.62 -9.25 12.89
N PRO B 313 8.57 -8.62 13.44
CA PRO B 313 8.78 -7.38 14.20
C PRO B 313 9.79 -7.63 15.33
N GLY B 314 10.66 -6.65 15.53
CA GLY B 314 11.58 -6.71 16.64
C GLY B 314 12.88 -7.38 16.26
N ASN B 315 13.60 -7.82 17.27
CA ASN B 315 14.92 -8.35 17.14
C ASN B 315 14.94 -9.84 17.49
N PRO B 316 15.97 -10.59 17.04
CA PRO B 316 15.95 -12.05 17.18
C PRO B 316 16.40 -12.55 18.55
N THR B 317 15.56 -12.34 19.54
CA THR B 317 15.65 -13.06 20.81
C THR B 317 14.35 -12.81 21.58
N PRO B 318 13.98 -13.70 22.50
CA PRO B 318 12.87 -13.39 23.39
C PRO B 318 13.13 -12.05 24.05
N GLY B 319 12.12 -11.19 24.08
CA GLY B 319 12.39 -9.89 24.64
C GLY B 319 13.36 -9.06 23.84
N GLY B 320 13.61 -9.44 22.58
CA GLY B 320 14.10 -8.49 21.59
C GLY B 320 12.91 -7.77 20.97
N VAL B 321 11.83 -7.67 21.74
CA VAL B 321 10.65 -6.90 21.36
C VAL B 321 10.48 -5.81 22.40
N ASP B 322 9.35 -5.10 22.37
CA ASP B 322 9.06 -4.10 23.38
C ASP B 322 8.18 -4.62 24.50
N LEU B 323 7.39 -5.67 24.27
CA LEU B 323 6.51 -6.20 25.30
C LEU B 323 6.23 -7.67 24.99
N ALA B 324 6.54 -8.55 25.92
CA ALA B 324 6.34 -9.98 25.73
C ALA B 324 5.24 -10.44 26.67
N LEU B 325 4.16 -10.98 26.11
CA LEU B 325 3.06 -11.51 26.90
C LEU B 325 3.04 -13.02 26.79
N ASN B 326 2.76 -13.70 27.92
CA ASN B 326 2.57 -15.15 27.94
C ASN B 326 1.15 -15.46 28.39
N MET B 327 0.53 -16.46 27.77
CA MET B 327 -0.90 -16.73 27.98
C MET B 327 -1.09 -18.17 28.43
N ALA B 328 -1.24 -18.36 29.74
CA ALA B 328 -1.32 -19.70 30.32
C ALA B 328 -2.76 -20.20 30.27
N PHE B 329 -2.98 -21.27 29.51
CA PHE B 329 -4.32 -21.76 29.30
C PHE B 329 -4.81 -22.54 30.52
N GLY B 330 -6.13 -22.61 30.66
CA GLY B 330 -6.70 -23.31 31.79
C GLY B 330 -8.17 -23.61 31.55
N PHE B 331 -8.79 -24.19 32.57
CA PHE B 331 -10.21 -24.55 32.52
C PHE B 331 -10.76 -24.74 33.93
N PHE B 336 -13.07 -22.35 30.34
CA PHE B 336 -11.71 -22.01 29.93
C PHE B 336 -11.20 -20.73 30.58
N THR B 337 -9.90 -20.66 30.81
CA THR B 337 -9.26 -19.48 31.39
C THR B 337 -7.95 -19.20 30.65
N ILE B 338 -7.63 -17.92 30.51
CA ILE B 338 -6.32 -17.50 30.02
C ILE B 338 -5.65 -16.70 31.13
N ASN B 339 -4.55 -17.24 31.67
CA ASN B 339 -3.90 -16.69 32.87
C ASN B 339 -4.91 -16.58 34.02
N GLY B 340 -5.84 -17.52 34.11
CA GLY B 340 -6.76 -17.56 35.23
C GLY B 340 -7.88 -16.55 35.20
N ALA B 341 -8.22 -16.01 34.05
CA ALA B 341 -9.48 -15.29 33.87
C ALA B 341 -10.22 -15.93 32.71
N SER B 342 -11.53 -16.07 32.88
CA SER B 342 -12.42 -16.56 31.84
C SER B 342 -13.17 -15.39 31.25
N PHE B 343 -13.35 -15.39 29.92
CA PHE B 343 -14.00 -14.28 29.25
C PHE B 343 -15.52 -14.44 29.33
N THR B 344 -16.16 -13.43 29.90
CA THR B 344 -17.60 -13.36 30.01
C THR B 344 -17.96 -12.02 29.39
N PRO B 345 -18.81 -11.97 28.37
CA PRO B 345 -19.08 -10.69 27.68
C PRO B 345 -19.67 -9.66 28.62
N PRO B 346 -19.11 -8.46 28.66
CA PRO B 346 -19.67 -7.39 29.50
C PRO B 346 -20.96 -6.83 28.94
N THR B 347 -21.70 -6.11 29.81
CA THR B 347 -22.95 -5.48 29.39
C THR B 347 -22.70 -4.31 28.44
N VAL B 348 -21.61 -3.58 28.63
CA VAL B 348 -21.21 -2.55 27.68
C VAL B 348 -20.13 -3.14 26.79
N PRO B 349 -20.16 -2.90 25.48
CA PRO B 349 -19.02 -3.29 24.64
C PRO B 349 -17.75 -2.61 25.12
N VAL B 350 -16.64 -3.34 25.02
CA VAL B 350 -15.34 -2.78 25.45
C VAL B 350 -15.00 -1.53 24.64
N LEU B 351 -15.37 -1.49 23.36
CA LEU B 351 -15.10 -0.29 22.57
C LEU B 351 -15.84 0.91 23.16
N LEU B 352 -17.14 0.75 23.45
CA LEU B 352 -17.92 1.86 24.00
C LEU B 352 -17.49 2.22 25.42
N GLN B 353 -17.13 1.21 26.23
CA GLN B 353 -16.49 1.47 27.52
C GLN B 353 -15.32 2.44 27.36
N ILE B 354 -14.43 2.15 26.39
CA ILE B 354 -13.29 3.03 26.17
C ILE B 354 -13.76 4.42 25.75
N LEU B 355 -14.59 4.49 24.70
CA LEU B 355 -15.12 5.76 24.22
C LEU B 355 -15.78 6.57 25.33
N SER B 356 -16.20 5.94 26.43
CA SER B 356 -16.90 6.60 27.52
C SER B 356 -15.98 7.01 28.69
N GLY B 357 -14.68 6.71 28.62
CA GLY B 357 -13.78 7.18 29.68
C GLY B 357 -12.71 6.21 30.13
N ALA B 358 -13.07 4.94 30.36
CA ALA B 358 -12.11 3.98 30.90
C ALA B 358 -10.89 3.85 30.00
N GLN B 359 -9.73 3.83 30.61
CA GLN B 359 -8.47 3.79 29.87
C GLN B 359 -7.64 2.54 30.14
N SER B 360 -7.52 2.12 31.40
CA SER B 360 -6.56 1.08 31.79
C SER B 360 -7.25 -0.24 32.09
N ALA B 361 -6.53 -1.33 31.87
CA ALA B 361 -7.11 -2.67 31.88
C ALA B 361 -7.76 -3.02 33.22
N GLN B 362 -7.35 -2.39 34.31
CA GLN B 362 -8.03 -2.64 35.58
C GLN B 362 -9.47 -2.11 35.54
N ASP B 363 -9.69 -0.98 34.88
CA ASP B 363 -11.02 -0.41 34.76
C ASP B 363 -11.90 -1.13 33.75
N LEU B 364 -11.31 -1.86 32.80
CA LEU B 364 -12.07 -2.41 31.69
C LEU B 364 -12.62 -3.79 32.05
N LEU B 365 -13.88 -4.02 31.72
CA LEU B 365 -14.61 -5.26 32.00
C LEU B 365 -14.64 -6.11 30.74
N PRO B 366 -14.53 -7.46 30.86
CA PRO B 366 -14.39 -8.25 32.09
C PRO B 366 -12.98 -8.23 32.67
N SER B 367 -12.89 -8.15 33.99
CA SER B 367 -11.62 -7.86 34.65
C SER B 367 -10.72 -9.09 34.65
N GLY B 368 -9.41 -8.84 34.53
CA GLY B 368 -8.45 -9.90 34.35
C GLY B 368 -8.30 -10.39 32.92
N SER B 369 -9.13 -9.91 31.99
CA SER B 369 -9.12 -10.39 30.61
C SER B 369 -8.66 -9.34 29.59
N VAL B 370 -8.43 -8.10 30.00
CA VAL B 370 -8.01 -7.05 29.08
C VAL B 370 -6.55 -6.72 29.34
N TYR B 371 -5.78 -6.59 28.27
CA TYR B 371 -4.35 -6.32 28.29
C TYR B 371 -4.09 -5.04 27.51
N SER B 372 -3.35 -4.12 28.11
CA SER B 372 -2.97 -2.87 27.44
C SER B 372 -1.71 -3.04 26.60
N LEU B 373 -1.65 -2.34 25.47
CA LEU B 373 -0.52 -2.38 24.55
C LEU B 373 -0.22 -0.96 24.10
N PRO B 374 1.05 -0.58 24.08
CA PRO B 374 1.43 0.74 23.57
C PRO B 374 1.50 0.75 22.06
N ALA B 375 1.31 1.93 21.48
CA ALA B 375 1.37 2.08 20.03
C ALA B 375 2.82 2.04 19.54
N ASN B 376 2.98 1.71 18.26
CA ASN B 376 4.27 1.70 17.55
C ASN B 376 5.31 0.81 18.22
N ALA B 377 4.83 -0.17 18.98
CA ALA B 377 5.67 -1.11 19.73
C ALA B 377 5.66 -2.48 19.05
N ASP B 378 6.75 -3.23 19.25
CA ASP B 378 6.82 -4.66 18.87
C ASP B 378 6.39 -5.52 20.05
N ILE B 379 5.47 -6.48 19.79
CA ILE B 379 4.85 -7.31 20.82
C ILE B 379 5.12 -8.79 20.54
N GLU B 380 5.34 -9.55 21.60
CA GLU B 380 5.43 -10.99 21.46
C GLU B 380 4.37 -11.61 22.34
N ILE B 381 3.75 -12.69 21.85
CA ILE B 381 2.80 -13.45 22.67
C ILE B 381 3.11 -14.93 22.46
N SER B 382 3.54 -15.60 23.52
CA SER B 382 3.76 -17.04 23.49
C SER B 382 2.50 -17.73 24.01
N LEU B 383 2.07 -18.79 23.33
CA LEU B 383 0.86 -19.52 23.69
C LEU B 383 1.21 -20.98 23.89
N PRO B 384 1.65 -21.37 25.08
CA PRO B 384 2.10 -22.75 25.29
C PRO B 384 0.91 -23.69 25.43
N ALA B 385 0.96 -24.80 24.72
CA ALA B 385 -0.12 -25.77 24.76
C ALA B 385 -0.09 -26.59 26.05
N THR B 386 -1.27 -26.96 26.53
CA THR B 386 -1.39 -27.68 27.79
C THR B 386 -2.51 -28.69 27.75
N SER B 387 -2.43 -29.67 28.65
CA SER B 387 -3.60 -30.49 28.93
C SER B 387 -4.67 -29.70 29.65
N ALA B 388 -4.27 -28.65 30.40
CA ALA B 388 -5.21 -27.88 31.21
C ALA B 388 -6.43 -27.43 30.40
N ALA B 389 -6.22 -27.06 29.13
CA ALA B 389 -7.31 -26.63 28.27
C ALA B 389 -7.78 -27.81 27.43
N PRO B 390 -8.88 -28.47 27.80
CA PRO B 390 -9.32 -29.67 27.08
C PRO B 390 -9.85 -29.33 25.68
N GLY B 391 -9.58 -30.23 24.74
CA GLY B 391 -9.96 -29.99 23.37
C GLY B 391 -8.91 -29.30 22.53
N PHE B 392 -7.66 -29.28 23.00
CA PHE B 392 -6.56 -28.91 22.14
C PHE B 392 -6.45 -29.93 21.01
N PRO B 393 -5.75 -29.60 19.91
CA PRO B 393 -5.08 -28.33 19.56
C PRO B 393 -6.03 -27.15 19.27
N HIS B 394 -5.69 -25.98 19.86
CA HIS B 394 -6.53 -24.79 19.77
C HIS B 394 -6.02 -23.85 18.69
N PRO B 395 -6.82 -23.52 17.68
CA PRO B 395 -6.43 -22.53 16.68
C PRO B 395 -6.72 -21.12 17.20
N PHE B 396 -5.66 -20.37 17.49
CA PHE B 396 -5.84 -19.05 18.08
C PHE B 396 -5.83 -17.99 17.00
N HIS B 397 -6.65 -16.96 17.19
CA HIS B 397 -6.91 -15.96 16.15
C HIS B 397 -6.86 -14.58 16.76
N LEU B 398 -6.10 -13.69 16.13
CA LEU B 398 -5.92 -12.32 16.59
C LEU B 398 -6.64 -11.39 15.60
N HIS B 399 -7.58 -10.59 16.10
CA HIS B 399 -8.22 -9.60 15.24
C HIS B 399 -7.32 -8.38 15.06
N GLY B 400 -7.60 -7.64 13.98
CA GLY B 400 -6.94 -6.37 13.73
C GLY B 400 -5.55 -6.45 13.14
N HIS B 401 -5.02 -7.63 12.95
CA HIS B 401 -3.68 -7.77 12.45
C HIS B 401 -3.19 -9.13 12.04
N THR B 402 -2.27 -9.18 11.11
CA THR B 402 -1.53 -10.42 10.88
C THR B 402 -0.34 -10.45 11.83
N PHE B 403 0.08 -11.66 12.21
CA PHE B 403 1.24 -11.83 13.09
C PHE B 403 2.29 -12.70 12.40
N ALA B 404 3.52 -12.53 12.84
CA ALA B 404 4.60 -13.44 12.45
C ALA B 404 4.51 -14.70 13.31
N VAL B 405 4.35 -15.87 12.68
CA VAL B 405 4.43 -17.13 13.43
C VAL B 405 5.90 -17.51 13.57
N VAL B 406 6.50 -17.06 14.66
CA VAL B 406 7.95 -17.22 14.87
C VAL B 406 8.30 -18.65 15.28
N ARG B 407 7.41 -19.31 16.04
CA ARG B 407 7.51 -20.73 16.34
C ARG B 407 6.17 -21.39 16.05
N SER B 408 6.15 -22.33 15.11
CA SER B 408 4.96 -23.08 14.76
C SER B 408 4.77 -24.25 15.71
N ALA B 409 3.65 -24.96 15.57
CA ALA B 409 3.38 -26.13 16.38
C ALA B 409 4.08 -27.34 15.81
N GLY B 410 4.68 -28.14 16.68
CA GLY B 410 5.42 -29.29 16.20
C GLY B 410 6.79 -28.94 15.71
N SER B 411 7.40 -27.90 16.28
CA SER B 411 8.75 -27.48 15.94
C SER B 411 9.33 -26.80 17.15
N SER B 412 10.63 -26.97 17.34
CA SER B 412 11.34 -26.31 18.43
C SER B 412 12.17 -25.13 17.95
N THR B 413 12.07 -24.79 16.68
CA THR B 413 12.91 -23.74 16.13
C THR B 413 12.16 -22.42 16.11
N TYR B 414 12.94 -21.35 16.30
CA TYR B 414 12.45 -19.99 16.24
C TYR B 414 13.00 -19.38 14.96
N ASN B 415 12.13 -18.73 14.18
CA ASN B 415 12.50 -18.19 12.87
C ASN B 415 12.15 -16.70 12.85
N TYR B 416 13.15 -15.84 13.05
CA TYR B 416 12.95 -14.39 13.04
C TYR B 416 13.30 -13.73 11.71
N ALA B 417 13.93 -14.44 10.79
CA ALA B 417 14.42 -13.84 9.55
C ALA B 417 13.35 -13.77 8.48
N ASN B 418 12.56 -14.84 8.31
CA ASN B 418 11.51 -14.83 7.31
C ASN B 418 10.34 -15.76 7.68
N PRO B 419 9.76 -15.64 8.87
CA PRO B 419 8.59 -16.46 9.21
C PRO B 419 7.39 -16.18 8.32
N VAL B 420 6.39 -17.07 8.40
CA VAL B 420 5.09 -16.76 7.79
C VAL B 420 4.40 -15.66 8.56
N TYR B 421 3.48 -14.99 7.89
CA TYR B 421 2.47 -14.18 8.53
C TYR B 421 1.10 -14.80 8.26
N ARG B 422 0.20 -14.67 9.23
CA ARG B 422 -1.19 -15.12 9.08
C ARG B 422 -1.98 -14.55 10.26
N ASP B 423 -3.22 -14.99 10.41
CA ASP B 423 -4.08 -14.49 11.48
C ASP B 423 -4.78 -15.59 12.27
N VAL B 424 -4.75 -16.83 11.83
CA VAL B 424 -5.13 -18.00 12.65
C VAL B 424 -3.95 -18.98 12.65
N VAL B 425 -3.55 -19.45 13.84
CA VAL B 425 -2.43 -20.37 13.98
C VAL B 425 -2.82 -21.48 14.95
N ASN B 426 -2.40 -22.70 14.62
CA ASN B 426 -2.60 -23.87 15.48
C ASN B 426 -1.60 -23.82 16.64
N THR B 427 -2.09 -23.86 17.89
CA THR B 427 -1.16 -23.84 19.02
C THR B 427 -0.76 -25.23 19.48
N GLY B 428 -1.23 -26.28 18.82
CA GLY B 428 -0.61 -27.60 18.93
C GLY B 428 -1.03 -28.35 20.18
N SER B 429 -0.15 -29.27 20.62
CA SER B 429 -0.50 -30.09 21.77
C SER B 429 0.56 -29.89 22.86
N PRO B 430 0.36 -30.43 24.10
CA PRO B 430 1.38 -30.24 25.15
C PRO B 430 2.78 -30.60 24.68
N GLY B 431 3.72 -29.67 24.82
CA GLY B 431 5.05 -29.77 24.24
C GLY B 431 5.37 -28.59 23.33
N ASP B 432 4.36 -28.03 22.67
CA ASP B 432 4.55 -26.91 21.76
C ASP B 432 4.56 -25.59 22.53
N ASN B 433 5.19 -24.56 21.93
CA ASN B 433 5.20 -23.20 22.48
C ASN B 433 5.06 -22.22 21.31
N VAL B 434 3.93 -22.29 20.61
CA VAL B 434 3.70 -21.43 19.45
C VAL B 434 3.85 -19.97 19.87
N THR B 435 4.64 -19.23 19.11
CA THR B 435 5.02 -17.88 19.48
C THR B 435 4.83 -16.95 18.30
N ILE B 436 4.05 -15.88 18.51
CA ILE B 436 3.71 -14.91 17.47
C ILE B 436 4.13 -13.52 17.92
N ARG B 437 4.43 -12.67 16.95
CA ARG B 437 4.81 -11.30 17.18
C ARG B 437 4.09 -10.44 16.17
N PHE B 438 3.86 -9.18 16.53
CA PHE B 438 3.26 -8.23 15.61
C PHE B 438 3.60 -6.82 16.09
N ARG B 439 3.26 -5.84 15.26
CA ARG B 439 3.53 -4.44 15.52
C ARG B 439 2.22 -3.70 15.76
N THR B 440 2.19 -2.78 16.72
CA THR B 440 0.95 -2.11 17.10
C THR B 440 0.78 -0.82 16.30
N ASP B 441 -0.03 -0.87 15.24
CA ASP B 441 -0.26 0.27 14.37
C ASP B 441 -1.75 0.49 14.09
N ASN B 442 -2.62 0.01 14.97
CA ASN B 442 -4.05 -0.08 14.68
C ASN B 442 -4.85 0.05 15.97
N PRO B 443 -4.95 1.28 16.50
CA PRO B 443 -5.53 1.47 17.85
C PRO B 443 -6.96 0.97 17.97
N GLY B 444 -7.20 0.18 19.01
CA GLY B 444 -8.53 -0.29 19.34
C GLY B 444 -8.49 -1.61 20.09
N PRO B 445 -9.61 -2.01 20.68
CA PRO B 445 -9.69 -3.32 21.36
C PRO B 445 -9.92 -4.43 20.35
N TRP B 446 -9.03 -5.41 20.35
CA TRP B 446 -9.06 -6.49 19.39
C TRP B 446 -9.16 -7.83 20.13
N PHE B 447 -10.11 -8.65 19.72
CA PHE B 447 -10.21 -10.00 20.26
C PHE B 447 -8.96 -10.81 19.93
N LEU B 448 -8.57 -11.67 20.88
CA LEU B 448 -7.57 -12.73 20.70
C LEU B 448 -8.09 -13.94 21.45
N HIS B 449 -8.44 -15.01 20.72
CA HIS B 449 -9.23 -16.11 21.29
C HIS B 449 -9.01 -17.38 20.49
N CYS B 450 -9.53 -18.48 21.01
CA CYS B 450 -9.61 -19.72 20.25
C CYS B 450 -10.83 -19.73 19.33
N HIS B 451 -10.61 -20.10 18.07
CA HIS B 451 -11.65 -19.98 17.04
C HIS B 451 -12.49 -21.25 16.91
N ILE B 452 -12.28 -22.24 17.78
CA ILE B 452 -13.27 -23.28 18.04
C ILE B 452 -14.42 -22.62 18.81
N ASP B 453 -15.56 -22.48 18.16
CA ASP B 453 -16.61 -21.59 18.69
C ASP B 453 -17.10 -22.03 20.06
N PHE B 454 -17.20 -23.34 20.30
CA PHE B 454 -17.67 -23.81 21.61
C PHE B 454 -16.68 -23.45 22.72
N HIS B 455 -15.39 -23.51 22.42
CA HIS B 455 -14.39 -23.02 23.37
C HIS B 455 -14.51 -21.50 23.52
N LEU B 456 -14.79 -20.80 22.43
CA LEU B 456 -15.09 -19.37 22.54
C LEU B 456 -16.33 -19.13 23.38
N ASP B 457 -17.40 -19.93 23.17
CA ASP B 457 -18.61 -19.76 23.97
C ASP B 457 -18.37 -20.09 25.43
N ALA B 458 -17.42 -20.97 25.71
CA ALA B 458 -17.00 -21.30 27.07
C ALA B 458 -15.97 -20.32 27.63
N GLY B 459 -15.68 -19.24 26.89
CA GLY B 459 -14.84 -18.16 27.39
C GLY B 459 -13.34 -18.33 27.23
N PHE B 460 -12.90 -18.90 26.10
CA PHE B 460 -11.45 -19.04 25.84
C PHE B 460 -10.98 -17.85 24.98
N ALA B 461 -10.92 -16.69 25.63
CA ALA B 461 -10.67 -15.44 24.91
C ALA B 461 -9.97 -14.42 25.80
N VAL B 462 -9.32 -13.45 25.16
CA VAL B 462 -8.73 -12.28 25.82
C VAL B 462 -8.93 -11.08 24.91
N VAL B 463 -8.76 -9.87 25.46
CA VAL B 463 -8.92 -8.62 24.71
C VAL B 463 -7.66 -7.79 24.83
N MET B 464 -7.10 -7.40 23.68
CA MET B 464 -5.92 -6.54 23.60
C MET B 464 -6.35 -5.11 23.33
N ALA B 465 -6.22 -4.23 24.33
CA ALA B 465 -6.62 -2.82 24.21
C ALA B 465 -5.46 -2.00 23.64
N GLU B 466 -5.47 -1.77 22.32
CA GLU B 466 -4.34 -1.19 21.62
C GLU B 466 -4.43 0.34 21.59
N ASP B 467 -3.45 1.00 22.20
CA ASP B 467 -3.34 2.45 22.20
C ASP B 467 -4.69 3.08 22.51
N THR B 468 -5.19 2.79 23.70
CA THR B 468 -6.48 3.33 24.12
C THR B 468 -6.54 4.86 24.09
N PRO B 469 -5.49 5.62 24.52
CA PRO B 469 -5.60 7.09 24.49
C PRO B 469 -5.68 7.66 23.08
N ASP B 470 -5.74 6.77 22.09
CA ASP B 470 -5.93 7.19 20.72
C ASP B 470 -7.19 6.61 20.09
N VAL B 471 -7.85 5.66 20.74
CA VAL B 471 -8.99 4.96 20.16
C VAL B 471 -10.08 5.96 19.75
N ALA B 472 -10.49 6.85 20.67
CA ALA B 472 -11.64 7.73 20.41
C ALA B 472 -11.38 8.64 19.20
N ALA B 473 -10.23 9.32 19.18
CA ALA B 473 -9.88 10.18 18.05
C ALA B 473 -9.88 9.38 16.75
N THR B 474 -9.16 8.27 16.74
CA THR B 474 -8.91 7.54 15.50
C THR B 474 -10.02 6.57 15.13
N ASN B 475 -11.13 6.52 15.87
CA ASN B 475 -12.22 5.59 15.57
C ASN B 475 -13.58 6.29 15.75
N PRO B 476 -13.90 7.29 14.93
CA PRO B 476 -15.23 7.90 14.98
C PRO B 476 -16.29 6.85 14.68
N VAL B 477 -17.46 7.01 15.30
CA VAL B 477 -18.54 6.03 15.20
C VAL B 477 -19.81 6.68 14.67
N PRO B 478 -20.69 5.93 13.98
CA PRO B 478 -21.96 6.46 13.45
C PRO B 478 -23.11 6.31 14.44
N TRP B 481 -24.68 2.90 15.20
CA TRP B 481 -23.84 2.12 16.11
C TRP B 481 -24.05 2.61 17.52
N SER B 482 -24.21 3.93 17.65
CA SER B 482 -24.55 4.50 18.95
C SER B 482 -25.90 4.00 19.45
N ASP B 483 -26.82 3.69 18.55
CA ASP B 483 -28.15 3.25 18.95
C ASP B 483 -28.29 1.74 19.00
N LEU B 484 -27.19 0.99 18.83
CA LEU B 484 -27.25 -0.47 18.93
C LEU B 484 -27.63 -0.92 20.33
N CYS B 485 -26.88 -0.47 21.35
CA CYS B 485 -27.04 -0.96 22.72
C CYS B 485 -28.37 -0.46 23.30
N PRO B 486 -28.74 0.83 23.13
CA PRO B 486 -30.13 1.22 23.37
C PRO B 486 -31.15 0.20 22.88
N THR B 487 -31.06 -0.14 21.58
CA THR B 487 -32.02 -1.05 20.96
C THR B 487 -31.94 -2.45 21.56
N TYR B 488 -30.73 -2.96 21.78
CA TYR B 488 -30.58 -4.32 22.30
C TYR B 488 -30.94 -4.42 23.78
N ASP B 489 -30.70 -3.37 24.55
CA ASP B 489 -30.96 -3.47 25.98
C ASP B 489 -32.44 -3.34 26.33
N ALA B 490 -33.23 -2.71 25.45
CA ALA B 490 -34.68 -2.60 25.58
C ALA B 490 -35.45 -3.83 25.08
N LEU B 491 -34.78 -4.97 24.89
CA LEU B 491 -35.41 -6.16 24.33
C LEU B 491 -35.70 -7.18 25.42
N SER B 492 -36.66 -8.07 25.12
CA SER B 492 -36.99 -9.18 25.98
C SER B 492 -36.06 -10.37 25.75
N PRO B 493 -35.98 -11.30 26.69
CA PRO B 493 -35.13 -12.50 26.48
C PRO B 493 -35.62 -13.40 25.36
N ASP B 494 -36.86 -13.27 24.90
CA ASP B 494 -37.34 -14.04 23.75
C ASP B 494 -37.01 -13.38 22.42
N ASP B 495 -36.67 -12.09 22.44
CA ASP B 495 -36.19 -11.40 21.25
C ASP B 495 -34.67 -11.35 21.20
N GLN B 496 -34.00 -12.02 22.12
CA GLN B 496 -32.54 -12.17 22.09
C GLN B 496 -32.08 -13.04 20.93
C1 NAG C . 4.43 41.25 -15.42
C2 NAG C . 3.77 42.11 -16.50
C3 NAG C . 2.25 41.95 -16.43
C4 NAG C . 1.86 40.48 -16.44
C5 NAG C . 2.63 39.73 -15.35
C6 NAG C . 2.34 38.24 -15.33
C7 NAG C . 4.52 44.25 -17.40
C8 NAG C . 4.81 45.69 -17.10
N2 NAG C . 4.12 43.52 -16.36
O3 NAG C . 1.68 42.66 -17.52
O4 NAG C . 0.47 40.32 -16.15
O5 NAG C . 4.04 39.89 -15.57
O6 NAG C . 2.48 37.66 -16.61
O7 NAG C . 4.66 43.78 -18.52
C1 NAG D . 0.89 3.96 7.51
C2 NAG D . -0.29 3.81 8.46
C3 NAG D . 0.13 4.22 9.86
C4 NAG D . 1.27 3.33 10.32
C5 NAG D . 2.45 3.45 9.34
C6 NAG D . 3.57 2.47 9.63
C7 NAG D . -2.40 4.09 7.21
C8 NAG D . -3.52 5.05 6.87
N2 NAG D . -1.45 4.58 8.01
O3 NAG D . -0.98 4.10 10.73
O4 NAG D . 1.68 3.69 11.63
O5 NAG D . 2.01 3.16 7.99
O6 NAG D . 3.40 1.81 10.87
O7 NAG D . -2.38 2.95 6.78
CU CU E . 12.51 20.49 -7.38
CU CU F . 11.89 21.68 -2.58
CU CU G . 14.94 19.32 -4.27
CU CU H . 0.26 18.18 -3.46
S SO4 I . 3.84 44.32 -12.53
O1 SO4 I . 2.94 44.73 -11.48
O2 SO4 I . 3.41 44.95 -13.78
O3 SO4 I . 5.21 44.72 -12.20
O4 SO4 I . 3.80 42.88 -12.73
C1 NAG J . -35.75 -23.03 15.58
C2 NAG J . -36.93 -23.93 15.11
C3 NAG J . -36.84 -25.32 15.76
C4 NAG J . -35.43 -25.90 15.71
C5 NAG J . -34.39 -24.90 16.17
C6 NAG J . -32.98 -25.42 15.99
C7 NAG J . -39.22 -23.17 14.57
C8 NAG J . -40.46 -22.54 15.11
N2 NAG J . -38.19 -23.32 15.43
O3 NAG J . -37.70 -26.21 15.07
O4 NAG J . -35.33 -27.02 16.59
O5 NAG J . -34.51 -23.71 15.37
O6 NAG J . -32.72 -25.66 14.62
O7 NAG J . -39.14 -23.53 13.40
C1 NAG K . 7.25 -20.41 26.10
C2 NAG K . 7.64 -20.96 27.50
C3 NAG K . 7.67 -19.84 28.53
C4 NAG K . 8.62 -18.73 28.08
C5 NAG K . 8.19 -18.19 26.72
C6 NAG K . 9.17 -17.15 26.20
C7 NAG K . 6.84 -23.29 27.64
C8 NAG K . 5.80 -24.19 28.22
N2 NAG K . 6.72 -21.99 27.94
O3 NAG K . 8.09 -20.36 29.78
O4 NAG K . 8.61 -17.68 29.04
O5 NAG K . 8.13 -19.26 25.76
O6 NAG K . 9.01 -16.87 24.82
O7 NAG K . 7.74 -23.71 26.91
CU CU L . -13.04 -13.47 16.75
CU CU M . -11.08 -12.06 12.91
CU CU N . -13.22 -15.67 12.35
CU CU O . -10.11 -24.21 21.61
#